data_8XN3
#
_entry.id   8XN3
#
_cell.length_a   1.00
_cell.length_b   1.00
_cell.length_c   1.00
_cell.angle_alpha   90.00
_cell.angle_beta   90.00
_cell.angle_gamma   90.00
#
_symmetry.space_group_name_H-M   'P 1'
#
loop_
_entity.id
_entity.type
_entity.pdbx_description
1 polymer 'Angiotensin-converting enzyme 2'
2 polymer 'Spike protein S1'
3 non-polymer 2-acetamido-2-deoxy-beta-D-glucopyranose
4 non-polymer 'ZINC ION'
#
loop_
_entity_poly.entity_id
_entity_poly.type
_entity_poly.pdbx_seq_one_letter_code
_entity_poly.pdbx_strand_id
1 'polypeptide(L)'
;STIEEQAKTFLDKFNHEAEDLFYQSSLASWNYNTNITEENVQNMNNAGDKWSAFLKEQSTLAQMYPLQEIQNLTVKLQLQ
ALQQNGSSVLSEDKSKRLNTILNTMSTIYSTGKVCNPDNPQECLLLEPGLNEIMANSLDYNERLWAWESWRSEVGKQLRP
LYEEYVVLKNEMARANHYEDYGDYWRGDYEVNGVDGYDYSRGQLIEDVEHTFEEIKPLYEHLHAYVRAKLMNAYPSYISP
IGCLPAHLLGDMWGRFWTNLYSLTVPFGQKPNIDVTDAMVDQAWDAQRIFKEAEKFFVSVGLPNMTQGFWENSMLTDPGN
VQKAVCHPTAWDLGKGDFRILMCTKVTMDDFLTAHHEMGHIQYDMAYAAQPFLLRNGANEGFHEAVGEIMSLSAATPKHL
KSIGLLSPDFQEDNETEINFLLKQALTIVGTLPFTYMLEKWRWMVFKGEIPKDQWMKKWWEMKREIVGVVEPVPHDETYC
DPASLFHVSNDYSFIRYYTRTLYQFQFQEALCQAAKHEGPLHKCDISNSTEAGQKLFNMLRLGKSEPWTLALENVVGAKN
MNVRPLLNYFEPLFTWLKDQNKNSFVGWSTDWSPYADHHHHHH
;
A
2 'polypeptide(L)'
;RVQPTESIVRFPNITNLCPFHEVFNATTFASVYAWNRKRISNCVADYSVIYNFAPFFAFKCYGVSPTKLNDLCFTNVYAD
SFVIRGNEVSQIAPGQTGNIADYNYKLPDDFTGCVIAWNSNKLDSKPSGNYNYRYRLLRKSKLKPFERDISTEIYQAGNK
PCNGVAGPNCYSPLQSYGFRPTYGVGHQPYRVVVLSFELLHAPATVCGPKKSTNLVKNKCVNF
;
B
#
# COMPACT_ATOMS: atom_id res chain seq x y z
N SER A 1 -32.52 13.84 5.86
CA SER A 1 -33.71 14.16 5.03
C SER A 1 -33.25 14.57 3.65
N THR A 2 -31.94 14.66 3.51
CA THR A 2 -31.42 15.01 2.19
C THR A 2 -30.51 13.91 1.68
N ILE A 3 -30.09 14.06 0.42
CA ILE A 3 -29.22 13.06 -0.20
C ILE A 3 -27.90 12.95 0.55
N GLU A 4 -27.29 14.07 0.91
CA GLU A 4 -26.01 14.07 1.62
C GLU A 4 -26.14 13.41 2.99
N GLU A 5 -27.19 13.79 3.74
CA GLU A 5 -27.39 13.23 5.07
C GLU A 5 -27.65 11.74 5.00
N GLN A 6 -28.44 11.29 4.02
CA GLN A 6 -28.66 9.87 3.84
C GLN A 6 -27.38 9.14 3.49
N ALA A 7 -26.55 9.76 2.64
CA ALA A 7 -25.33 9.11 2.17
C ALA A 7 -24.32 8.96 3.29
N LYS A 8 -24.26 9.93 4.20
CA LYS A 8 -23.29 9.88 5.30
C LYS A 8 -23.46 8.64 6.16
N THR A 9 -24.68 8.34 6.58
CA THR A 9 -24.93 7.20 7.45
C THR A 9 -24.64 5.89 6.73
N PHE A 10 -25.03 5.80 5.46
CA PHE A 10 -24.74 4.59 4.70
C PHE A 10 -23.25 4.38 4.55
N LEU A 11 -22.50 5.45 4.31
CA LEU A 11 -21.05 5.33 4.21
C LEU A 11 -20.43 4.89 5.53
N ASP A 12 -20.94 5.42 6.64
CA ASP A 12 -20.42 5.00 7.94
C ASP A 12 -20.67 3.51 8.18
N LYS A 13 -21.89 3.06 7.90
CA LYS A 13 -22.21 1.65 8.10
C LYS A 13 -21.36 0.76 7.19
N PHE A 14 -21.20 1.14 5.93
CA PHE A 14 -20.39 0.36 5.00
C PHE A 14 -18.94 0.32 5.45
N ASN A 15 -18.40 1.45 5.90
CA ASN A 15 -17.02 1.46 6.38
C ASN A 15 -16.86 0.54 7.57
N HIS A 16 -17.78 0.58 8.52
N HIS A 16 -17.79 0.58 8.52
CA HIS A 16 -17.64 -0.26 9.70
CA HIS A 16 -17.68 -0.25 9.71
C HIS A 16 -17.72 -1.74 9.34
C HIS A 16 -17.74 -1.73 9.36
N GLU A 17 -18.66 -2.13 8.50
CA GLU A 17 -18.78 -3.55 8.15
C GLU A 17 -17.60 -4.00 7.29
N ALA A 18 -17.16 -3.15 6.36
CA ALA A 18 -16.04 -3.48 5.49
C ALA A 18 -14.76 -3.63 6.29
N GLU A 19 -14.59 -2.86 7.36
CA GLU A 19 -13.39 -3.03 8.18
C GLU A 19 -13.26 -4.46 8.67
N ASP A 20 -14.32 -5.00 9.27
CA ASP A 20 -14.27 -6.36 9.79
C ASP A 20 -14.14 -7.39 8.68
N LEU A 21 -14.90 -7.24 7.59
CA LEU A 21 -14.84 -8.25 6.55
C LEU A 21 -13.48 -8.25 5.85
N PHE A 22 -12.92 -7.07 5.58
CA PHE A 22 -11.58 -6.98 5.03
C PHE A 22 -10.55 -7.54 5.99
N TYR A 23 -10.72 -7.32 7.30
CA TYR A 23 -9.79 -7.91 8.26
C TYR A 23 -9.82 -9.43 8.18
N GLN A 24 -11.00 -10.03 8.02
CA GLN A 24 -10.98 -11.52 8.02
C GLN A 24 -10.44 -12.02 6.69
N SER A 25 -10.70 -11.31 5.59
CA SER A 25 -10.08 -11.72 4.33
C SER A 25 -8.55 -11.62 4.39
N SER A 26 -8.06 -10.50 4.93
CA SER A 26 -6.62 -10.29 5.01
C SER A 26 -5.95 -11.27 5.96
N LEU A 27 -6.60 -11.58 7.09
CA LEU A 27 -6.04 -12.56 8.01
C LEU A 27 -6.01 -13.94 7.39
N ALA A 28 -7.06 -14.31 6.64
CA ALA A 28 -7.05 -15.59 5.94
C ALA A 28 -5.91 -15.64 4.93
N SER A 29 -5.70 -14.55 4.18
CA SER A 29 -4.61 -14.50 3.23
C SER A 29 -3.26 -14.64 3.92
N TRP A 30 -3.08 -13.94 5.04
CA TRP A 30 -1.82 -14.02 5.77
C TRP A 30 -1.57 -15.44 6.28
N ASN A 31 -2.60 -16.08 6.83
CA ASN A 31 -2.44 -17.44 7.32
C ASN A 31 -2.07 -18.38 6.19
N TYR A 32 -2.72 -18.25 5.03
CA TYR A 32 -2.39 -19.12 3.91
C TYR A 32 -0.96 -18.89 3.43
N ASN A 33 -0.55 -17.63 3.32
CA ASN A 33 0.80 -17.35 2.83
C ASN A 33 1.86 -17.86 3.80
N THR A 34 1.64 -17.71 5.10
CA THR A 34 2.62 -18.17 6.07
C THR A 34 2.65 -19.69 6.17
N ASN A 35 1.50 -20.34 6.04
CA ASN A 35 1.39 -21.77 6.32
C ASN A 35 0.38 -22.35 5.33
N ILE A 36 0.89 -22.98 4.28
CA ILE A 36 0.05 -23.46 3.18
C ILE A 36 -0.50 -24.83 3.53
N THR A 37 -1.82 -24.93 3.61
CA THR A 37 -2.50 -26.21 3.81
C THR A 37 -3.89 -26.11 3.20
N GLU A 38 -4.52 -27.27 3.03
CA GLU A 38 -5.85 -27.30 2.42
C GLU A 38 -6.86 -26.52 3.25
N GLU A 39 -6.77 -26.62 4.58
CA GLU A 39 -7.66 -25.86 5.44
C GLU A 39 -7.49 -24.36 5.23
N ASN A 40 -6.24 -23.89 5.13
CA ASN A 40 -6.01 -22.47 4.90
C ASN A 40 -6.51 -22.04 3.53
N VAL A 41 -6.36 -22.90 2.51
CA VAL A 41 -6.88 -22.56 1.19
C VAL A 41 -8.39 -22.40 1.24
N GLN A 42 -9.07 -23.33 1.93
CA GLN A 42 -10.52 -23.22 2.06
C GLN A 42 -10.92 -21.96 2.81
N ASN A 43 -10.21 -21.65 3.91
CA ASN A 43 -10.55 -20.45 4.68
C ASN A 43 -10.36 -19.18 3.86
N MET A 44 -9.26 -19.09 3.11
CA MET A 44 -9.02 -17.92 2.28
C MET A 44 -10.08 -17.79 1.19
N ASN A 45 -10.44 -18.90 0.55
CA ASN A 45 -11.48 -18.86 -0.47
C ASN A 45 -12.81 -18.39 0.11
N ASN A 46 -13.18 -18.92 1.29
CA ASN A 46 -14.44 -18.53 1.91
C ASN A 46 -14.46 -17.05 2.28
N ALA A 47 -13.37 -16.57 2.88
CA ALA A 47 -13.29 -15.16 3.25
C ALA A 47 -13.35 -14.26 2.03
N GLY A 48 -12.65 -14.64 0.96
CA GLY A 48 -12.69 -13.84 -0.26
C GLY A 48 -14.07 -13.82 -0.89
N ASP A 49 -14.76 -14.97 -0.91
CA ASP A 49 -16.11 -15.00 -1.45
C ASP A 49 -17.05 -14.11 -0.63
N LYS A 50 -16.93 -14.17 0.70
CA LYS A 50 -17.76 -13.33 1.55
C LYS A 50 -17.49 -11.85 1.29
N TRP A 51 -16.22 -11.48 1.18
CA TRP A 51 -15.87 -10.09 0.93
C TRP A 51 -16.40 -9.61 -0.42
N SER A 52 -16.28 -10.45 -1.45
CA SER A 52 -16.79 -10.09 -2.77
C SER A 52 -18.29 -9.92 -2.75
N ALA A 53 -19.00 -10.82 -2.06
CA ALA A 53 -20.46 -10.70 -1.98
C ALA A 53 -20.86 -9.42 -1.26
N PHE A 54 -20.18 -9.09 -0.16
CA PHE A 54 -20.47 -7.85 0.55
C PHE A 54 -20.22 -6.63 -0.32
N LEU A 55 -19.11 -6.63 -1.06
CA LEU A 55 -18.81 -5.50 -1.94
C LEU A 55 -19.87 -5.35 -3.02
N LYS A 56 -20.30 -6.46 -3.62
CA LYS A 56 -21.34 -6.39 -4.64
C LYS A 56 -22.65 -5.85 -4.07
N GLU A 57 -23.06 -6.35 -2.90
CA GLU A 57 -24.32 -5.90 -2.31
C GLU A 57 -24.28 -4.41 -2.00
N GLN A 58 -23.19 -3.95 -1.38
CA GLN A 58 -23.10 -2.54 -1.04
C GLN A 58 -22.97 -1.66 -2.28
N SER A 59 -22.30 -2.16 -3.32
CA SER A 59 -22.22 -1.40 -4.57
C SER A 59 -23.58 -1.24 -5.22
N THR A 60 -24.38 -2.31 -5.22
CA THR A 60 -25.73 -2.19 -5.75
C THR A 60 -26.58 -1.25 -4.90
N LEU A 61 -26.38 -1.27 -3.59
CA LEU A 61 -27.11 -0.34 -2.73
C LEU A 61 -26.74 1.10 -3.00
N ALA A 62 -25.45 1.39 -3.22
CA ALA A 62 -24.95 2.75 -3.25
C ALA A 62 -25.32 3.50 -4.53
N GLN A 63 -25.81 2.82 -5.56
CA GLN A 63 -26.15 3.52 -6.80
C GLN A 63 -27.36 4.44 -6.65
N MET A 64 -28.08 4.35 -5.53
CA MET A 64 -29.27 5.15 -5.34
C MET A 64 -28.95 6.64 -5.23
N TYR A 65 -27.81 6.98 -4.62
CA TYR A 65 -27.48 8.38 -4.38
C TYR A 65 -26.78 9.00 -5.58
N PRO A 66 -27.41 9.97 -6.26
CA PRO A 66 -26.74 10.62 -7.39
C PRO A 66 -25.53 11.41 -6.92
N LEU A 67 -24.52 11.46 -7.80
CA LEU A 67 -23.29 12.18 -7.47
C LEU A 67 -23.40 13.67 -7.75
N GLN A 68 -24.46 14.12 -8.42
CA GLN A 68 -24.67 15.56 -8.59
C GLN A 68 -25.21 16.20 -7.31
N GLU A 69 -25.76 15.41 -6.40
CA GLU A 69 -26.36 15.95 -5.19
C GLU A 69 -25.42 15.94 -4.00
N ILE A 70 -24.18 15.47 -4.16
CA ILE A 70 -23.22 15.40 -3.07
C ILE A 70 -22.19 16.51 -3.25
N GLN A 71 -21.99 17.30 -2.20
CA GLN A 71 -21.10 18.46 -2.25
C GLN A 71 -20.20 18.50 -1.00
N ASN A 72 -19.59 17.36 -0.66
CA ASN A 72 -18.55 17.36 0.36
C ASN A 72 -17.15 17.13 -0.19
N LEU A 73 -17.03 16.59 -1.40
CA LEU A 73 -15.77 16.29 -2.07
C LEU A 73 -14.98 15.18 -1.36
N THR A 74 -15.53 14.60 -0.30
CA THR A 74 -15.00 13.39 0.32
C THR A 74 -16.01 12.26 0.26
N VAL A 75 -17.26 12.53 0.66
CA VAL A 75 -18.34 11.60 0.42
C VAL A 75 -18.49 11.33 -1.06
N LYS A 76 -18.22 12.35 -1.89
CA LYS A 76 -18.24 12.14 -3.34
C LYS A 76 -17.21 11.12 -3.76
N LEU A 77 -15.99 11.21 -3.23
CA LEU A 77 -14.95 10.23 -3.57
C LEU A 77 -15.31 8.84 -3.07
N GLN A 78 -15.83 8.74 -1.85
CA GLN A 78 -16.21 7.43 -1.32
C GLN A 78 -17.33 6.81 -2.16
N LEU A 79 -18.33 7.61 -2.54
CA LEU A 79 -19.40 7.11 -3.37
C LEU A 79 -18.93 6.74 -4.76
N GLN A 80 -17.96 7.50 -5.31
CA GLN A 80 -17.40 7.13 -6.61
C GLN A 80 -16.67 5.79 -6.51
N ALA A 81 -15.92 5.58 -5.43
CA ALA A 81 -15.26 4.29 -5.23
C ALA A 81 -16.28 3.17 -5.12
N LEU A 82 -17.37 3.40 -4.39
CA LEU A 82 -18.40 2.37 -4.24
C LEU A 82 -19.12 2.09 -5.56
N GLN A 83 -19.39 3.13 -6.34
CA GLN A 83 -20.15 3.02 -7.58
C GLN A 83 -19.28 2.77 -8.81
N GLN A 84 -17.97 2.57 -8.62
CA GLN A 84 -17.06 2.22 -9.70
C GLN A 84 -17.55 1.03 -10.52
N ASN A 85 -18.52 0.28 -10.00
CA ASN A 85 -19.18 -0.81 -10.71
C ASN A 85 -18.21 -1.94 -11.03
N GLY A 86 -17.51 -2.44 -10.01
CA GLY A 86 -16.68 -3.61 -10.20
C GLY A 86 -17.47 -4.83 -10.64
N SER A 87 -18.69 -4.96 -10.15
CA SER A 87 -19.61 -5.98 -10.67
C SER A 87 -19.89 -5.69 -12.14
N SER A 88 -19.92 -6.75 -12.95
CA SER A 88 -20.03 -6.59 -14.39
C SER A 88 -21.33 -5.90 -14.77
N VAL A 89 -21.21 -4.85 -15.58
CA VAL A 89 -22.38 -4.20 -16.15
C VAL A 89 -22.83 -4.93 -17.42
N LEU A 90 -21.96 -5.75 -18.00
CA LEU A 90 -22.30 -6.51 -19.19
C LEU A 90 -23.19 -7.71 -18.81
N SER A 91 -23.45 -8.56 -19.80
CA SER A 91 -24.30 -9.71 -19.60
C SER A 91 -23.57 -10.77 -18.78
N GLU A 92 -24.35 -11.75 -18.29
CA GLU A 92 -23.77 -12.85 -17.52
C GLU A 92 -22.83 -13.69 -18.38
N ASP A 93 -23.27 -14.03 -19.60
CA ASP A 93 -22.42 -14.81 -20.50
C ASP A 93 -21.17 -14.02 -20.89
N LYS A 94 -21.32 -12.72 -21.12
CA LYS A 94 -20.17 -11.90 -21.47
C LYS A 94 -19.18 -11.81 -20.32
N SER A 95 -19.66 -11.68 -19.09
CA SER A 95 -18.76 -11.70 -17.94
C SER A 95 -18.08 -13.05 -17.82
N LYS A 96 -18.81 -14.13 -18.04
CA LYS A 96 -18.22 -15.46 -17.97
C LYS A 96 -17.12 -15.64 -19.00
N ARG A 97 -17.34 -15.18 -20.23
CA ARG A 97 -16.32 -15.36 -21.26
C ARG A 97 -15.14 -14.42 -21.02
N LEU A 98 -15.36 -13.23 -20.46
CA LEU A 98 -14.26 -12.37 -20.07
C LEU A 98 -13.39 -13.03 -19.02
N ASN A 99 -14.02 -13.63 -18.00
CA ASN A 99 -13.26 -14.36 -16.99
C ASN A 99 -12.54 -15.54 -17.61
N THR A 100 -13.17 -16.22 -18.57
CA THR A 100 -12.53 -17.34 -19.24
C THR A 100 -11.27 -16.89 -19.97
N ILE A 101 -11.35 -15.77 -20.69
CA ILE A 101 -10.19 -15.26 -21.41
C ILE A 101 -9.07 -14.89 -20.45
N LEU A 102 -9.42 -14.19 -19.36
CA LEU A 102 -8.40 -13.81 -18.38
C LEU A 102 -7.74 -15.04 -17.78
N ASN A 103 -8.54 -16.04 -17.38
CA ASN A 103 -7.98 -17.25 -16.78
C ASN A 103 -7.10 -18.00 -17.77
N THR A 104 -7.54 -18.10 -19.03
CA THR A 104 -6.74 -18.80 -20.03
C THR A 104 -5.41 -18.10 -20.26
N MET A 105 -5.43 -16.76 -20.33
CA MET A 105 -4.18 -16.03 -20.52
C MET A 105 -3.24 -16.22 -19.34
N SER A 106 -3.77 -16.12 -18.12
CA SER A 106 -2.93 -16.30 -16.94
C SER A 106 -2.35 -17.70 -16.90
N THR A 107 -3.17 -18.72 -17.18
CA THR A 107 -2.69 -20.09 -17.16
C THR A 107 -1.62 -20.33 -18.22
N ILE A 108 -1.83 -19.80 -19.43
CA ILE A 108 -0.84 -19.98 -20.49
C ILE A 108 0.48 -19.34 -20.09
N TYR A 109 0.44 -18.12 -19.57
CA TYR A 109 1.68 -17.46 -19.17
C TYR A 109 2.37 -18.22 -18.04
N SER A 110 1.60 -18.70 -17.05
CA SER A 110 2.20 -19.32 -15.89
C SER A 110 2.77 -20.70 -16.23
N THR A 111 2.08 -21.47 -17.07
CA THR A 111 2.48 -22.83 -17.37
C THR A 111 3.25 -22.95 -18.69
N GLY A 112 3.59 -21.83 -19.31
CA GLY A 112 4.38 -21.88 -20.52
C GLY A 112 5.73 -22.53 -20.32
N LYS A 113 6.02 -23.55 -21.11
CA LYS A 113 7.30 -24.24 -21.05
C LYS A 113 7.82 -24.47 -22.46
N VAL A 114 9.13 -24.55 -22.59
CA VAL A 114 9.79 -24.74 -23.87
C VAL A 114 10.70 -25.96 -23.79
N CYS A 115 10.63 -26.82 -24.79
CA CYS A 115 11.47 -28.01 -24.87
C CYS A 115 12.29 -27.96 -26.16
N ASN A 116 13.18 -28.94 -26.30
CA ASN A 116 13.90 -29.09 -27.55
C ASN A 116 12.97 -29.71 -28.60
N PRO A 117 13.19 -29.39 -29.88
CA PRO A 117 12.33 -29.97 -30.92
C PRO A 117 12.45 -31.49 -30.96
N ASP A 118 11.30 -32.15 -31.04
CA ASP A 118 11.16 -33.61 -30.98
C ASP A 118 12.11 -34.22 -29.95
N ASN A 119 12.23 -33.59 -28.78
CA ASN A 119 13.16 -34.02 -27.75
C ASN A 119 12.62 -33.65 -26.38
N PRO A 120 12.05 -34.61 -25.65
CA PRO A 120 11.48 -34.30 -24.33
C PRO A 120 12.49 -34.38 -23.20
N GLN A 121 13.78 -34.41 -23.54
CA GLN A 121 14.82 -34.54 -22.51
C GLN A 121 14.81 -33.34 -21.57
N GLU A 122 14.66 -32.13 -22.11
CA GLU A 122 14.65 -30.92 -21.30
C GLU A 122 13.45 -30.07 -21.67
N CYS A 123 12.75 -29.58 -20.65
CA CYS A 123 11.61 -28.67 -20.82
C CYS A 123 11.71 -27.59 -19.75
N LEU A 124 12.06 -26.38 -20.17
CA LEU A 124 12.32 -25.30 -19.24
C LEU A 124 11.11 -24.37 -19.13
N LEU A 125 10.73 -24.04 -17.91
CA LEU A 125 9.70 -23.04 -17.66
C LEU A 125 10.30 -21.64 -17.84
N LEU A 126 9.50 -20.62 -17.53
CA LEU A 126 9.95 -19.25 -17.75
C LEU A 126 10.89 -18.79 -16.64
N GLU A 127 10.41 -18.79 -15.40
CA GLU A 127 11.17 -18.27 -14.27
C GLU A 127 12.40 -19.12 -13.95
N PRO A 128 12.29 -20.44 -13.75
CA PRO A 128 13.45 -21.22 -13.29
C PRO A 128 14.62 -21.22 -14.26
N GLY A 129 14.38 -21.64 -15.50
CA GLY A 129 15.47 -21.85 -16.43
C GLY A 129 15.62 -20.80 -17.51
N LEU A 130 14.51 -20.39 -18.12
CA LEU A 130 14.58 -19.45 -19.23
C LEU A 130 15.05 -18.08 -18.77
N ASN A 131 14.53 -17.60 -17.64
CA ASN A 131 15.00 -16.33 -17.08
C ASN A 131 16.46 -16.42 -16.68
N GLU A 132 16.88 -17.56 -16.12
CA GLU A 132 18.28 -17.73 -15.75
C GLU A 132 19.18 -17.67 -16.98
N ILE A 133 18.78 -18.33 -18.06
CA ILE A 133 19.56 -18.32 -19.30
C ILE A 133 19.64 -16.89 -19.84
N MET A 134 18.52 -16.19 -19.87
CA MET A 134 18.52 -14.82 -20.38
C MET A 134 19.40 -13.92 -19.52
N ALA A 135 19.39 -14.13 -18.21
CA ALA A 135 20.13 -13.25 -17.32
C ALA A 135 21.64 -13.50 -17.39
N ASN A 136 22.05 -14.77 -17.47
CA ASN A 136 23.46 -15.11 -17.35
C ASN A 136 24.16 -15.43 -18.65
N SER A 137 23.52 -16.17 -19.56
CA SER A 137 24.22 -16.70 -20.73
C SER A 137 24.69 -15.59 -21.64
N LEU A 138 25.87 -15.80 -22.25
CA LEU A 138 26.45 -14.85 -23.19
C LEU A 138 26.40 -15.34 -24.63
N ASP A 139 25.69 -16.43 -24.90
CA ASP A 139 25.64 -17.01 -26.23
C ASP A 139 24.57 -16.30 -27.06
N TYR A 140 24.99 -15.69 -28.17
CA TYR A 140 24.06 -14.99 -29.04
C TYR A 140 23.03 -15.95 -29.62
N ASN A 141 23.49 -17.11 -30.08
CA ASN A 141 22.58 -18.08 -30.68
C ASN A 141 21.60 -18.62 -29.65
N GLU A 142 22.08 -18.94 -28.45
CA GLU A 142 21.19 -19.42 -27.40
C GLU A 142 20.16 -18.37 -27.02
N ARG A 143 20.60 -17.11 -26.91
CA ARG A 143 19.67 -16.05 -26.55
C ARG A 143 18.61 -15.86 -27.63
N LEU A 144 19.01 -15.87 -28.89
CA LEU A 144 18.03 -15.76 -29.98
C LEU A 144 17.06 -16.93 -29.96
N TRP A 145 17.58 -18.14 -29.74
CA TRP A 145 16.71 -19.32 -29.69
C TRP A 145 15.71 -19.22 -28.56
N ALA A 146 16.16 -18.82 -27.37
CA ALA A 146 15.26 -18.71 -26.22
C ALA A 146 14.20 -17.65 -26.46
N TRP A 147 14.61 -16.50 -26.97
CA TRP A 147 13.66 -15.41 -27.22
C TRP A 147 12.60 -15.83 -28.24
N GLU A 148 13.04 -16.35 -29.38
CA GLU A 148 12.11 -16.77 -30.41
C GLU A 148 11.23 -17.92 -29.93
N SER A 149 11.79 -18.84 -29.14
CA SER A 149 11.02 -19.97 -28.65
C SER A 149 9.93 -19.52 -27.69
N TRP A 150 10.24 -18.62 -26.76
CA TRP A 150 9.21 -18.10 -25.88
C TRP A 150 8.13 -17.38 -26.67
N ARG A 151 8.53 -16.54 -27.62
CA ARG A 151 7.54 -15.80 -28.39
C ARG A 151 6.64 -16.75 -29.19
N SER A 152 7.23 -17.74 -29.86
CA SER A 152 6.42 -18.68 -30.63
C SER A 152 5.55 -19.54 -29.73
N GLU A 153 5.98 -19.81 -28.49
CA GLU A 153 5.19 -20.64 -27.59
C GLU A 153 4.02 -19.88 -27.01
N VAL A 154 4.17 -18.59 -26.71
CA VAL A 154 3.14 -17.85 -25.98
C VAL A 154 2.30 -16.95 -26.90
N GLY A 155 2.92 -16.18 -27.78
CA GLY A 155 2.18 -15.19 -28.54
C GLY A 155 1.22 -15.81 -29.54
N LYS A 156 1.64 -16.89 -30.20
CA LYS A 156 0.75 -17.56 -31.14
C LYS A 156 -0.52 -18.04 -30.45
N GLN A 157 -0.38 -18.48 -29.20
CA GLN A 157 -1.55 -18.93 -28.45
C GLN A 157 -2.37 -17.76 -27.94
N LEU A 158 -1.72 -16.66 -27.58
CA LEU A 158 -2.37 -15.57 -26.88
C LEU A 158 -2.90 -14.47 -27.79
N ARG A 159 -2.63 -14.52 -29.09
CA ARG A 159 -3.06 -13.44 -29.98
C ARG A 159 -4.58 -13.34 -30.11
N PRO A 160 -5.29 -14.37 -30.59
CA PRO A 160 -6.76 -14.20 -30.71
C PRO A 160 -7.45 -13.95 -29.39
N LEU A 161 -6.95 -14.56 -28.31
CA LEU A 161 -7.51 -14.30 -26.99
C LEU A 161 -7.36 -12.83 -26.62
N TYR A 162 -6.20 -12.23 -26.93
CA TYR A 162 -6.02 -10.81 -26.62
C TYR A 162 -6.87 -9.93 -27.52
N GLU A 163 -7.13 -10.36 -28.76
CA GLU A 163 -8.03 -9.59 -29.61
C GLU A 163 -9.45 -9.59 -29.05
N GLU A 164 -9.95 -10.77 -28.69
CA GLU A 164 -11.25 -10.84 -28.03
C GLU A 164 -11.25 -10.04 -26.74
N TYR A 165 -10.13 -10.05 -26.01
CA TYR A 165 -10.03 -9.31 -24.77
C TYR A 165 -10.14 -7.81 -25.00
N VAL A 166 -9.46 -7.29 -26.01
CA VAL A 166 -9.52 -5.85 -26.24
C VAL A 166 -10.92 -5.45 -26.70
N VAL A 167 -11.56 -6.28 -27.52
CA VAL A 167 -12.93 -5.98 -27.93
C VAL A 167 -13.86 -5.97 -26.71
N LEU A 168 -13.74 -6.97 -25.85
CA LEU A 168 -14.61 -7.06 -24.68
C LEU A 168 -14.37 -5.92 -23.70
N LYS A 169 -13.11 -5.53 -23.50
CA LYS A 169 -12.83 -4.46 -22.55
C LYS A 169 -13.29 -3.11 -23.10
N ASN A 170 -13.17 -2.90 -24.42
CA ASN A 170 -13.75 -1.70 -25.01
C ASN A 170 -15.26 -1.68 -24.84
N GLU A 171 -15.91 -2.83 -25.03
CA GLU A 171 -17.35 -2.89 -24.81
C GLU A 171 -17.71 -2.59 -23.36
N MET A 172 -16.92 -3.10 -22.42
CA MET A 172 -17.17 -2.84 -21.00
C MET A 172 -17.03 -1.36 -20.68
N ALA A 173 -15.97 -0.73 -21.21
CA ALA A 173 -15.77 0.70 -20.97
C ALA A 173 -16.91 1.52 -21.57
N ARG A 174 -17.35 1.18 -22.77
CA ARG A 174 -18.49 1.88 -23.36
C ARG A 174 -19.76 1.66 -22.56
N ALA A 175 -19.92 0.47 -21.96
CA ALA A 175 -21.05 0.23 -21.09
C ALA A 175 -21.00 1.11 -19.85
N ASN A 176 -19.80 1.31 -19.29
CA ASN A 176 -19.60 2.32 -18.26
C ASN A 176 -19.47 3.68 -18.94
N HIS A 177 -19.05 4.69 -18.17
CA HIS A 177 -18.98 6.05 -18.70
C HIS A 177 -17.69 6.35 -19.43
N TYR A 178 -16.72 5.46 -19.40
CA TYR A 178 -15.42 5.71 -20.03
C TYR A 178 -15.49 5.41 -21.53
N GLU A 179 -14.47 5.87 -22.25
CA GLU A 179 -14.41 5.66 -23.69
C GLU A 179 -13.87 4.28 -24.03
N ASP A 180 -12.64 3.99 -23.62
CA ASP A 180 -12.00 2.71 -23.81
C ASP A 180 -11.37 2.27 -22.50
N TYR A 181 -10.83 1.05 -22.47
CA TYR A 181 -10.19 0.58 -21.26
C TYR A 181 -8.94 1.38 -20.94
N GLY A 182 -8.29 1.93 -21.96
CA GLY A 182 -7.22 2.90 -21.71
C GLY A 182 -7.73 4.11 -20.96
N ASP A 183 -8.91 4.61 -21.34
CA ASP A 183 -9.52 5.70 -20.59
C ASP A 183 -9.85 5.28 -19.17
N TYR A 184 -10.34 4.05 -18.99
CA TYR A 184 -10.61 3.52 -17.66
C TYR A 184 -9.35 3.55 -16.80
N TRP A 185 -8.22 3.12 -17.36
CA TRP A 185 -6.98 3.09 -16.60
C TRP A 185 -6.46 4.49 -16.34
N ARG A 186 -6.58 5.39 -17.34
CA ARG A 186 -6.15 6.76 -17.14
C ARG A 186 -7.02 7.50 -16.13
N GLY A 187 -8.24 7.01 -15.88
CA GLY A 187 -9.10 7.63 -14.89
C GLY A 187 -8.56 7.57 -13.47
N ASP A 188 -7.56 6.73 -13.21
CA ASP A 188 -6.97 6.69 -11.87
C ASP A 188 -6.31 8.01 -11.50
N TYR A 189 -5.84 8.76 -12.49
CA TYR A 189 -5.23 10.06 -12.26
C TYR A 189 -6.21 11.21 -12.43
N GLU A 190 -7.43 10.95 -12.89
CA GLU A 190 -8.39 12.01 -13.14
C GLU A 190 -8.88 12.60 -11.83
N VAL A 191 -8.83 13.93 -11.73
CA VAL A 191 -9.36 14.66 -10.58
C VAL A 191 -10.28 15.75 -11.10
N ASN A 192 -11.55 15.68 -10.72
CA ASN A 192 -12.55 16.64 -11.13
C ASN A 192 -13.26 17.20 -9.91
N GLY A 193 -13.83 18.40 -10.07
CA GLY A 193 -14.54 19.05 -9.01
C GLY A 193 -13.72 19.97 -8.13
N VAL A 194 -12.39 19.95 -8.27
CA VAL A 194 -11.53 20.80 -7.47
C VAL A 194 -10.81 21.80 -8.38
N ASP A 195 -11.36 23.00 -8.49
CA ASP A 195 -10.74 24.03 -9.32
C ASP A 195 -9.38 24.41 -8.76
N GLY A 196 -8.42 24.64 -9.67
CA GLY A 196 -7.05 24.94 -9.28
C GLY A 196 -6.20 23.74 -8.93
N TYR A 197 -6.80 22.56 -8.81
CA TYR A 197 -6.05 21.35 -8.56
C TYR A 197 -6.54 20.17 -9.39
N ASP A 198 -7.30 20.42 -10.46
CA ASP A 198 -7.91 19.35 -11.23
C ASP A 198 -6.88 18.65 -12.11
N TYR A 199 -7.13 17.36 -12.35
CA TYR A 199 -6.37 16.58 -13.30
C TYR A 199 -7.34 15.84 -14.21
N SER A 200 -7.09 15.91 -15.51
CA SER A 200 -7.97 15.32 -16.51
C SER A 200 -7.35 14.04 -17.04
N ARG A 201 -8.20 13.17 -17.59
CA ARG A 201 -7.73 11.93 -18.17
C ARG A 201 -6.82 12.19 -19.36
N GLY A 202 -7.16 13.19 -20.18
CA GLY A 202 -6.33 13.51 -21.34
C GLY A 202 -5.02 14.18 -21.00
N GLN A 203 -4.92 14.77 -19.80
CA GLN A 203 -3.70 15.45 -19.40
C GLN A 203 -2.56 14.47 -19.12
N LEU A 204 -2.88 13.23 -18.76
CA LEU A 204 -1.83 12.24 -18.48
C LEU A 204 -1.02 11.95 -19.73
N ILE A 205 -1.69 11.84 -20.88
CA ILE A 205 -0.98 11.58 -22.13
C ILE A 205 0.05 12.67 -22.40
N GLU A 206 -0.38 13.93 -22.32
CA GLU A 206 0.52 15.04 -22.62
C GLU A 206 1.64 15.12 -21.59
N ASP A 207 1.33 14.88 -20.31
CA ASP A 207 2.37 14.94 -19.28
C ASP A 207 3.43 13.87 -19.51
N VAL A 208 2.99 12.65 -19.83
CA VAL A 208 3.95 11.58 -20.07
C VAL A 208 4.77 11.86 -21.32
N GLU A 209 4.14 12.39 -22.37
CA GLU A 209 4.88 12.72 -23.58
C GLU A 209 5.94 13.76 -23.31
N HIS A 210 5.60 14.83 -22.59
CA HIS A 210 6.57 15.87 -22.29
C HIS A 210 7.69 15.36 -21.40
N THR A 211 7.35 14.53 -20.41
CA THR A 211 8.39 13.97 -19.54
C THR A 211 9.37 13.10 -20.33
N PHE A 212 8.86 12.26 -21.22
CA PHE A 212 9.76 11.43 -22.01
C PHE A 212 10.60 12.28 -22.97
N GLU A 213 10.00 13.34 -23.53
CA GLU A 213 10.77 14.24 -24.39
C GLU A 213 11.90 14.90 -23.61
N GLU A 214 11.68 15.17 -22.32
CA GLU A 214 12.77 15.69 -21.50
C GLU A 214 13.82 14.63 -21.20
N ILE A 215 13.38 13.39 -20.94
CA ILE A 215 14.32 12.31 -20.60
C ILE A 215 15.17 11.90 -21.80
N LYS A 216 14.70 12.15 -23.01
CA LYS A 216 15.32 11.58 -24.20
C LYS A 216 16.84 11.74 -24.29
N PRO A 217 17.46 12.90 -24.01
CA PRO A 217 18.93 12.99 -24.17
C PRO A 217 19.71 12.04 -23.27
N LEU A 218 19.34 11.94 -22.00
CA LEU A 218 20.04 11.05 -21.09
C LEU A 218 19.91 9.60 -21.53
N TYR A 219 18.71 9.19 -21.94
CA TYR A 219 18.52 7.83 -22.41
C TYR A 219 19.29 7.58 -23.70
N GLU A 220 19.38 8.59 -24.57
CA GLU A 220 20.16 8.42 -25.80
C GLU A 220 21.64 8.20 -25.49
N HIS A 221 22.18 8.96 -24.54
CA HIS A 221 23.58 8.76 -24.17
C HIS A 221 23.78 7.40 -23.51
N LEU A 222 22.84 6.99 -22.66
CA LEU A 222 22.94 5.68 -22.03
C LEU A 222 22.89 4.57 -23.08
N HIS A 223 22.01 4.70 -24.07
CA HIS A 223 21.92 3.72 -25.14
C HIS A 223 23.21 3.67 -25.94
N ALA A 224 23.80 4.84 -26.22
CA ALA A 224 25.07 4.86 -26.95
C ALA A 224 26.16 4.14 -26.15
N TYR A 225 26.25 4.39 -24.85
CA TYR A 225 27.29 3.74 -24.04
C TYR A 225 27.07 2.23 -23.98
N VAL A 226 25.84 1.80 -23.70
CA VAL A 226 25.55 0.37 -23.61
C VAL A 226 25.79 -0.29 -24.96
N ARG A 227 25.45 0.40 -26.05
CA ARG A 227 25.68 -0.15 -27.38
C ARG A 227 27.18 -0.30 -27.65
N ALA A 228 27.98 0.66 -27.23
CA ALA A 228 29.43 0.53 -27.41
C ALA A 228 29.98 -0.65 -26.62
N LYS A 229 29.54 -0.80 -25.37
CA LYS A 229 30.03 -1.92 -24.57
C LYS A 229 29.59 -3.26 -25.15
N LEU A 230 28.34 -3.33 -25.63
CA LEU A 230 27.87 -4.58 -26.23
C LEU A 230 28.52 -4.84 -27.58
N MET A 231 28.97 -3.80 -28.27
CA MET A 231 29.79 -4.00 -29.47
C MET A 231 31.14 -4.59 -29.08
N ASN A 232 31.72 -4.10 -27.98
CA ASN A 232 32.94 -4.72 -27.47
C ASN A 232 32.73 -6.18 -27.10
N ALA A 233 31.54 -6.51 -26.60
CA ALA A 233 31.26 -7.89 -26.19
C ALA A 233 31.01 -8.79 -27.39
N TYR A 234 29.95 -8.51 -28.16
CA TYR A 234 29.68 -9.22 -29.40
C TYR A 234 30.26 -8.42 -30.55
N PRO A 235 31.20 -8.96 -31.32
CA PRO A 235 31.96 -8.12 -32.27
C PRO A 235 31.15 -7.53 -33.42
N SER A 236 30.43 -8.37 -34.17
CA SER A 236 29.81 -7.92 -35.41
C SER A 236 28.29 -7.89 -35.38
N TYR A 237 27.67 -8.31 -34.28
CA TYR A 237 26.22 -8.37 -34.23
C TYR A 237 25.56 -7.03 -33.94
N ILE A 238 26.33 -6.02 -33.56
CA ILE A 238 25.79 -4.70 -33.22
C ILE A 238 26.41 -3.67 -34.14
N SER A 239 25.57 -2.89 -34.80
CA SER A 239 26.00 -1.82 -35.69
C SER A 239 26.22 -0.54 -34.91
N PRO A 240 27.26 0.24 -35.25
CA PRO A 240 27.50 1.50 -34.55
C PRO A 240 26.38 2.51 -34.72
N ILE A 241 25.54 2.34 -35.74
CA ILE A 241 24.39 3.21 -35.92
C ILE A 241 23.07 2.50 -35.65
N GLY A 242 23.07 1.18 -35.53
CA GLY A 242 21.84 0.44 -35.39
C GLY A 242 21.31 0.39 -33.96
N CYS A 243 20.02 0.05 -33.86
CA CYS A 243 19.38 -0.10 -32.57
C CYS A 243 19.86 -1.36 -31.86
N LEU A 244 19.78 -1.36 -30.54
CA LEU A 244 20.20 -2.51 -29.77
C LEU A 244 19.22 -3.67 -29.96
N PRO A 245 19.71 -4.88 -30.20
CA PRO A 245 18.82 -6.02 -30.36
C PRO A 245 18.10 -6.37 -29.06
N ALA A 246 16.93 -6.99 -29.21
CA ALA A 246 16.05 -7.20 -28.06
C ALA A 246 16.57 -8.27 -27.12
N HIS A 247 17.03 -9.41 -27.66
CA HIS A 247 17.38 -10.55 -26.82
C HIS A 247 18.65 -10.31 -26.02
N LEU A 248 19.45 -9.33 -26.39
CA LEU A 248 20.70 -9.06 -25.70
C LEU A 248 20.56 -8.04 -24.58
N LEU A 249 19.34 -7.60 -24.27
CA LEU A 249 19.15 -6.52 -23.31
C LEU A 249 19.39 -6.97 -21.88
N GLY A 250 19.24 -8.26 -21.60
CA GLY A 250 19.47 -8.74 -20.25
C GLY A 250 18.36 -9.62 -19.70
N ASP A 251 17.12 -9.28 -20.02
CA ASP A 251 15.96 -10.07 -19.61
C ASP A 251 15.12 -10.40 -20.85
N MET A 252 14.11 -11.25 -20.65
CA MET A 252 13.33 -11.76 -21.77
C MET A 252 12.59 -10.65 -22.52
N TRP A 253 12.33 -9.52 -21.88
CA TRP A 253 11.55 -8.46 -22.49
C TRP A 253 12.31 -7.15 -22.68
N GLY A 254 13.38 -6.93 -21.94
CA GLY A 254 14.05 -5.65 -21.96
C GLY A 254 13.52 -4.63 -20.99
N ARG A 255 12.72 -5.06 -20.01
CA ARG A 255 12.18 -4.12 -19.03
C ARG A 255 13.29 -3.52 -18.18
N PHE A 256 14.25 -4.33 -17.76
CA PHE A 256 15.35 -3.88 -16.93
C PHE A 256 16.68 -4.27 -17.57
N TRP A 257 17.65 -3.38 -17.46
CA TRP A 257 18.99 -3.61 -17.98
C TRP A 257 19.99 -4.00 -16.90
N THR A 258 19.52 -4.35 -15.71
CA THR A 258 20.43 -4.58 -14.58
C THR A 258 21.36 -5.75 -14.84
N ASN A 259 20.92 -6.73 -15.62
CA ASN A 259 21.77 -7.89 -15.91
C ASN A 259 22.96 -7.53 -16.80
N LEU A 260 22.97 -6.35 -17.41
CA LEU A 260 24.08 -5.90 -18.22
C LEU A 260 25.18 -5.24 -17.41
N TYR A 261 25.01 -5.12 -16.09
CA TYR A 261 25.99 -4.41 -15.27
C TYR A 261 27.34 -5.12 -15.29
N SER A 262 27.34 -6.45 -15.22
CA SER A 262 28.60 -7.19 -15.20
C SER A 262 29.38 -7.00 -16.49
N LEU A 263 28.69 -6.98 -17.62
CA LEU A 263 29.37 -6.84 -18.91
C LEU A 263 29.83 -5.40 -19.16
N THR A 264 29.06 -4.42 -18.71
CA THR A 264 29.28 -3.02 -19.07
C THR A 264 29.66 -2.16 -17.88
N VAL A 265 30.28 -2.74 -16.86
CA VAL A 265 30.72 -1.96 -15.70
C VAL A 265 31.87 -1.04 -16.12
N PRO A 266 31.84 0.25 -15.75
CA PRO A 266 32.92 1.15 -16.19
C PRO A 266 34.28 0.79 -15.61
N PHE A 267 34.38 0.69 -14.29
CA PHE A 267 35.65 0.44 -13.61
C PHE A 267 35.49 -0.81 -12.75
N GLY A 268 36.16 -1.90 -13.13
CA GLY A 268 36.00 -3.15 -12.42
C GLY A 268 37.00 -3.36 -11.30
N GLN A 269 38.07 -2.58 -11.26
CA GLN A 269 39.08 -2.75 -10.24
C GLN A 269 38.52 -2.49 -8.84
N LYS A 270 37.83 -1.36 -8.67
CA LYS A 270 37.24 -1.04 -7.38
C LYS A 270 35.87 -1.69 -7.27
N PRO A 271 35.67 -2.62 -6.35
CA PRO A 271 34.37 -3.29 -6.24
C PRO A 271 33.30 -2.37 -5.66
N ASN A 272 32.06 -2.67 -5.99
CA ASN A 272 30.92 -1.92 -5.47
C ASN A 272 30.76 -2.22 -3.97
N ILE A 273 30.07 -1.32 -3.28
CA ILE A 273 29.99 -1.39 -1.83
C ILE A 273 29.19 -2.61 -1.41
N ASP A 274 29.82 -3.52 -0.68
CA ASP A 274 29.20 -4.73 -0.18
C ASP A 274 29.40 -4.79 1.33
N VAL A 275 28.35 -5.18 2.06
CA VAL A 275 28.37 -5.20 3.51
C VAL A 275 27.97 -6.55 4.08
N THR A 276 27.85 -7.57 3.23
CA THR A 276 27.45 -8.89 3.72
C THR A 276 28.51 -9.49 4.63
N ASP A 277 29.78 -9.46 4.20
CA ASP A 277 30.86 -9.97 5.03
C ASP A 277 30.98 -9.18 6.32
N ALA A 278 30.82 -7.85 6.24
CA ALA A 278 30.87 -7.03 7.44
C ALA A 278 29.74 -7.39 8.41
N MET A 279 28.54 -7.61 7.90
CA MET A 279 27.43 -7.98 8.76
C MET A 279 27.67 -9.31 9.43
N VAL A 280 28.22 -10.28 8.69
CA VAL A 280 28.56 -11.57 9.28
C VAL A 280 29.62 -11.40 10.37
N ASP A 281 30.63 -10.57 10.09
CA ASP A 281 31.74 -10.41 11.04
C ASP A 281 31.34 -9.59 12.26
N GLN A 282 30.30 -8.76 12.14
CA GLN A 282 29.72 -8.07 13.28
C GLN A 282 28.53 -8.81 13.88
N ALA A 283 28.21 -10.00 13.36
CA ALA A 283 27.17 -10.87 13.91
C ALA A 283 25.81 -10.18 13.92
N TRP A 284 25.33 -9.90 12.71
CA TRP A 284 24.02 -9.32 12.50
C TRP A 284 23.04 -10.37 11.99
N ASP A 285 21.75 -10.17 12.30
CA ASP A 285 20.69 -11.05 11.85
C ASP A 285 19.47 -10.22 11.47
N ALA A 286 18.42 -10.90 11.01
CA ALA A 286 17.27 -10.21 10.46
C ALA A 286 16.55 -9.38 11.51
N GLN A 287 16.47 -9.88 12.74
CA GLN A 287 15.77 -9.16 13.79
C GLN A 287 16.43 -7.80 14.04
N ARG A 288 17.76 -7.78 14.13
CA ARG A 288 18.44 -6.52 14.33
C ARG A 288 18.49 -5.68 13.07
N ILE A 289 18.40 -6.29 11.89
CA ILE A 289 18.24 -5.51 10.66
C ILE A 289 16.96 -4.69 10.73
N PHE A 290 15.85 -5.34 11.10
CA PHE A 290 14.59 -4.63 11.23
C PHE A 290 14.64 -3.63 12.39
N LYS A 291 15.38 -3.94 13.46
CA LYS A 291 15.54 -2.99 14.54
C LYS A 291 16.27 -1.73 14.09
N GLU A 292 17.33 -1.90 13.28
CA GLU A 292 18.05 -0.75 12.76
C GLU A 292 17.17 0.08 11.82
N ALA A 293 16.37 -0.60 11.00
CA ALA A 293 15.45 0.12 10.14
C ALA A 293 14.41 0.90 10.95
N GLU A 294 13.92 0.29 12.04
CA GLU A 294 13.02 1.01 12.94
C GLU A 294 13.69 2.23 13.54
N LYS A 295 14.96 2.09 13.95
CA LYS A 295 15.68 3.25 14.48
C LYS A 295 15.81 4.34 13.43
N PHE A 296 16.08 3.98 12.17
CA PHE A 296 16.16 4.98 11.12
C PHE A 296 14.82 5.69 10.93
N PHE A 297 13.72 4.93 10.91
CA PHE A 297 12.41 5.55 10.71
C PHE A 297 11.99 6.39 11.91
N VAL A 298 12.51 6.08 13.10
CA VAL A 298 12.30 6.96 14.25
C VAL A 298 13.10 8.24 14.08
N SER A 299 14.36 8.11 13.66
CA SER A 299 15.23 9.27 13.53
C SER A 299 14.70 10.25 12.51
N VAL A 300 14.16 9.75 11.40
CA VAL A 300 13.59 10.66 10.40
C VAL A 300 12.35 11.37 10.92
N GLY A 301 11.72 10.86 11.98
CA GLY A 301 10.56 11.48 12.58
C GLY A 301 9.29 10.64 12.53
N LEU A 302 9.27 9.55 11.77
CA LEU A 302 8.11 8.70 11.71
C LEU A 302 7.96 7.90 13.01
N PRO A 303 6.75 7.44 13.32
CA PRO A 303 6.52 6.78 14.61
C PRO A 303 7.22 5.42 14.69
N ASN A 304 7.34 4.93 15.92
CA ASN A 304 7.95 3.65 16.22
C ASN A 304 7.02 2.51 15.82
N MET A 305 7.53 1.29 15.86
CA MET A 305 6.73 0.12 15.51
C MET A 305 5.89 -0.33 16.70
N THR A 306 5.04 -1.32 16.45
CA THR A 306 4.11 -1.83 17.43
C THR A 306 4.62 -3.12 18.05
N GLN A 307 4.33 -3.29 19.34
CA GLN A 307 4.64 -4.56 20.01
C GLN A 307 3.90 -5.71 19.35
N GLY A 308 2.64 -5.48 18.98
CA GLY A 308 1.91 -6.49 18.21
C GLY A 308 2.55 -6.76 16.87
N PHE A 309 3.08 -5.71 16.23
CA PHE A 309 3.82 -5.90 14.98
C PHE A 309 5.01 -6.82 15.18
N TRP A 310 5.81 -6.56 16.22
CA TRP A 310 6.99 -7.38 16.46
C TRP A 310 6.61 -8.81 16.80
N GLU A 311 5.53 -8.99 17.54
CA GLU A 311 5.13 -10.34 17.95
C GLU A 311 4.57 -11.14 16.77
N ASN A 312 3.70 -10.54 15.97
CA ASN A 312 3.00 -11.27 14.92
C ASN A 312 3.79 -11.39 13.63
N SER A 313 4.60 -10.39 13.29
CA SER A 313 5.34 -10.43 12.04
C SER A 313 6.38 -11.54 12.07
N MET A 314 6.49 -12.27 10.97
CA MET A 314 7.51 -13.30 10.80
C MET A 314 8.55 -12.77 9.83
N LEU A 315 9.68 -12.31 10.37
CA LEU A 315 10.74 -11.74 9.57
C LEU A 315 11.78 -12.77 9.13
N THR A 316 11.65 -14.01 9.58
CA THR A 316 12.56 -15.09 9.20
C THR A 316 11.75 -16.27 8.69
N ASP A 317 12.31 -16.97 7.71
CA ASP A 317 11.64 -18.11 7.12
C ASP A 317 11.69 -19.30 8.06
N PRO A 318 10.55 -19.86 8.47
CA PRO A 318 10.60 -21.02 9.37
C PRO A 318 11.32 -22.22 8.79
N GLY A 319 11.19 -22.44 7.48
CA GLY A 319 11.87 -23.55 6.83
C GLY A 319 11.32 -24.91 7.28
N ASN A 320 12.18 -25.92 7.12
CA ASN A 320 11.88 -27.28 7.54
C ASN A 320 10.59 -27.79 6.93
N VAL A 321 9.66 -28.24 7.78
CA VAL A 321 8.37 -28.72 7.28
C VAL A 321 7.55 -27.56 6.72
N GLN A 322 7.63 -26.40 7.35
CA GLN A 322 6.83 -25.26 6.91
C GLN A 322 7.33 -24.72 5.58
N LYS A 323 6.39 -24.42 4.68
CA LYS A 323 6.70 -23.83 3.38
C LYS A 323 5.85 -22.58 3.22
N ALA A 324 6.48 -21.48 2.83
CA ALA A 324 5.78 -20.22 2.67
C ALA A 324 6.39 -19.46 1.50
N VAL A 325 5.58 -18.57 0.90
CA VAL A 325 6.06 -17.73 -0.17
C VAL A 325 7.10 -16.76 0.37
N CYS A 326 8.20 -16.59 -0.37
CA CYS A 326 9.31 -15.76 0.07
C CYS A 326 9.38 -14.42 -0.63
N HIS A 327 8.35 -14.04 -1.37
CA HIS A 327 8.33 -12.71 -1.99
C HIS A 327 8.04 -11.67 -0.92
N PRO A 328 8.91 -10.68 -0.71
CA PRO A 328 8.69 -9.73 0.37
C PRO A 328 7.41 -8.92 0.17
N THR A 329 6.64 -8.78 1.24
CA THR A 329 5.36 -8.08 1.17
C THR A 329 5.04 -7.51 2.54
N ALA A 330 4.56 -6.27 2.57
CA ALA A 330 4.10 -5.63 3.79
C ALA A 330 2.58 -5.66 3.83
N TRP A 331 2.02 -6.21 4.90
CA TRP A 331 0.60 -6.44 5.01
C TRP A 331 -0.02 -5.43 5.98
N ASP A 332 -1.02 -4.69 5.51
CA ASP A 332 -1.84 -3.84 6.35
C ASP A 332 -3.17 -4.56 6.56
N LEU A 333 -3.18 -5.47 7.53
CA LEU A 333 -4.38 -6.26 7.78
C LEU A 333 -5.54 -5.39 8.23
N GLY A 334 -5.25 -4.23 8.81
CA GLY A 334 -6.27 -3.33 9.28
C GLY A 334 -6.49 -3.44 10.77
N LYS A 335 -7.08 -2.38 11.33
CA LYS A 335 -7.37 -2.29 12.77
C LYS A 335 -6.10 -2.51 13.61
N GLY A 336 -5.03 -1.82 13.21
CA GLY A 336 -3.80 -1.84 13.96
C GLY A 336 -2.88 -3.00 13.71
N ASP A 337 -3.22 -3.90 12.79
CA ASP A 337 -2.39 -5.07 12.49
C ASP A 337 -1.53 -4.76 11.28
N PHE A 338 -0.23 -4.57 11.52
CA PHE A 338 0.74 -4.33 10.47
C PHE A 338 1.80 -5.43 10.53
N ARG A 339 2.09 -6.06 9.39
CA ARG A 339 2.98 -7.21 9.38
C ARG A 339 3.83 -7.18 8.11
N ILE A 340 4.98 -7.86 8.20
CA ILE A 340 5.88 -8.06 7.06
C ILE A 340 6.11 -9.55 6.90
N LEU A 341 6.02 -10.03 5.66
CA LEU A 341 6.31 -11.42 5.31
C LEU A 341 7.52 -11.41 4.38
N MET A 342 8.70 -11.69 4.94
CA MET A 342 9.94 -11.61 4.18
C MET A 342 10.91 -12.65 4.71
N CYS A 343 11.34 -13.56 3.83
CA CYS A 343 12.38 -14.55 4.17
C CYS A 343 13.72 -13.82 4.15
N THR A 344 13.95 -13.01 5.18
CA THR A 344 15.12 -12.15 5.22
C THR A 344 16.38 -12.97 5.43
N LYS A 345 17.41 -12.66 4.64
CA LYS A 345 18.74 -13.22 4.81
C LYS A 345 19.72 -12.08 5.09
N VAL A 346 20.98 -12.44 5.34
CA VAL A 346 21.99 -11.44 5.69
C VAL A 346 22.61 -10.96 4.39
N THR A 347 21.93 -10.00 3.75
CA THR A 347 22.43 -9.36 2.54
C THR A 347 22.07 -7.89 2.56
N MET A 348 22.88 -7.09 1.86
CA MET A 348 22.58 -5.68 1.68
C MET A 348 21.27 -5.51 0.92
N ASP A 349 21.02 -6.38 -0.05
CA ASP A 349 19.74 -6.33 -0.77
C ASP A 349 18.57 -6.55 0.17
N ASP A 350 18.71 -7.49 1.11
CA ASP A 350 17.64 -7.73 2.07
C ASP A 350 17.51 -6.57 3.05
N PHE A 351 18.62 -5.91 3.40
CA PHE A 351 18.53 -4.72 4.25
C PHE A 351 17.73 -3.62 3.56
N LEU A 352 18.03 -3.36 2.29
CA LEU A 352 17.29 -2.36 1.54
C LEU A 352 15.83 -2.77 1.37
N THR A 353 15.58 -4.07 1.16
CA THR A 353 14.20 -4.54 1.04
C THR A 353 13.44 -4.36 2.34
N ALA A 354 14.09 -4.59 3.47
CA ALA A 354 13.46 -4.36 4.76
C ALA A 354 13.12 -2.89 4.94
N HIS A 355 14.01 -2.00 4.52
CA HIS A 355 13.70 -0.57 4.57
C HIS A 355 12.51 -0.23 3.68
N HIS A 356 12.45 -0.84 2.50
CA HIS A 356 11.33 -0.63 1.58
C HIS A 356 10.01 -1.06 2.22
N GLU A 357 9.99 -2.25 2.82
CA GLU A 357 8.78 -2.77 3.44
C GLU A 357 8.37 -1.94 4.65
N MET A 358 9.33 -1.48 5.45
CA MET A 358 8.98 -0.66 6.58
C MET A 358 8.48 0.72 6.14
N GLY A 359 8.97 1.22 5.00
CA GLY A 359 8.36 2.40 4.42
C GLY A 359 6.91 2.17 4.05
N HIS A 360 6.63 1.00 3.47
CA HIS A 360 5.25 0.63 3.18
C HIS A 360 4.40 0.69 4.45
N ILE A 361 4.89 0.05 5.51
CA ILE A 361 4.11 -0.04 6.75
C ILE A 361 3.93 1.33 7.39
N GLN A 362 4.95 2.19 7.28
CA GLN A 362 4.81 3.54 7.82
C GLN A 362 3.76 4.33 7.06
N TYR A 363 3.70 4.17 5.73
CA TYR A 363 2.62 4.80 4.98
C TYR A 363 1.27 4.25 5.43
N ASP A 364 1.18 2.94 5.61
CA ASP A 364 -0.09 2.32 6.03
C ASP A 364 -0.53 2.85 7.39
N MET A 365 0.42 2.99 8.32
CA MET A 365 0.12 3.58 9.62
C MET A 365 -0.32 5.03 9.46
N ALA A 366 0.31 5.75 8.55
CA ALA A 366 0.00 7.17 8.36
C ALA A 366 -1.43 7.38 7.89
N TYR A 367 -1.90 6.57 6.94
CA TYR A 367 -3.26 6.75 6.45
C TYR A 367 -4.30 5.94 7.23
N ALA A 368 -3.95 5.44 8.41
CA ALA A 368 -4.85 4.57 9.15
C ALA A 368 -6.10 5.31 9.63
N ALA A 369 -6.00 6.60 9.89
CA ALA A 369 -7.14 7.34 10.44
C ALA A 369 -8.25 7.53 9.42
N GLN A 370 -7.90 7.62 8.13
CA GLN A 370 -8.89 7.87 7.10
C GLN A 370 -9.83 6.67 6.94
N PRO A 371 -11.01 6.89 6.35
CA PRO A 371 -11.95 5.78 6.15
C PRO A 371 -11.37 4.66 5.30
N PHE A 372 -12.10 3.55 5.28
CA PHE A 372 -11.62 2.35 4.61
C PHE A 372 -11.46 2.58 3.12
N LEU A 373 -12.42 3.25 2.48
CA LEU A 373 -12.33 3.46 1.04
C LEU A 373 -11.18 4.41 0.68
N LEU A 374 -10.71 5.21 1.62
CA LEU A 374 -9.62 6.13 1.38
C LEU A 374 -8.29 5.65 1.95
N ARG A 375 -8.26 4.49 2.60
CA ARG A 375 -7.03 3.96 3.16
C ARG A 375 -6.11 3.38 2.08
N ASN A 376 -5.58 4.24 1.21
CA ASN A 376 -4.66 3.81 0.16
C ASN A 376 -3.73 4.97 -0.18
N GLY A 377 -2.91 4.77 -1.21
CA GLY A 377 -2.08 5.84 -1.69
C GLY A 377 -2.84 6.78 -2.61
N ALA A 378 -2.38 8.03 -2.69
CA ALA A 378 -3.11 9.05 -3.43
C ALA A 378 -3.27 8.64 -4.89
N ASN A 379 -2.27 7.99 -5.45
CA ASN A 379 -2.38 7.33 -6.75
C ASN A 379 -1.58 6.04 -6.69
N GLU A 380 -1.53 5.34 -7.82
CA GLU A 380 -0.92 4.02 -7.86
C GLU A 380 0.60 4.05 -7.68
N GLY A 381 1.22 5.23 -7.70
CA GLY A 381 2.66 5.31 -7.65
C GLY A 381 3.28 5.77 -6.35
N PHE A 382 2.53 6.54 -5.54
CA PHE A 382 3.13 7.10 -4.33
C PHE A 382 3.57 6.02 -3.34
N HIS A 383 2.84 4.92 -3.26
CA HIS A 383 3.12 3.91 -2.24
C HIS A 383 4.49 3.27 -2.46
N GLU A 384 4.72 2.76 -3.66
CA GLU A 384 6.05 2.25 -3.99
C GLU A 384 7.08 3.36 -4.06
N ALA A 385 6.67 4.59 -4.38
CA ALA A 385 7.61 5.70 -4.39
C ALA A 385 8.16 5.97 -2.98
N VAL A 386 7.28 5.92 -1.98
CA VAL A 386 7.70 6.11 -0.60
C VAL A 386 8.58 4.97 -0.14
N GLY A 387 8.28 3.75 -0.59
CA GLY A 387 9.20 2.65 -0.33
C GLY A 387 10.58 2.90 -0.90
N GLU A 388 10.63 3.35 -2.16
CA GLU A 388 11.90 3.48 -2.86
C GLU A 388 12.73 4.64 -2.34
N ILE A 389 12.10 5.74 -1.92
CA ILE A 389 12.89 6.87 -1.42
C ILE A 389 13.65 6.47 -0.16
N MET A 390 13.00 5.73 0.74
CA MET A 390 13.69 5.20 1.90
C MET A 390 14.76 4.20 1.49
N SER A 391 14.48 3.38 0.47
CA SER A 391 15.49 2.44 0.00
C SER A 391 16.76 3.16 -0.45
N LEU A 392 16.61 4.24 -1.22
CA LEU A 392 17.79 4.99 -1.67
C LEU A 392 18.46 5.75 -0.53
N SER A 393 17.67 6.30 0.40
CA SER A 393 18.26 7.05 1.49
C SER A 393 19.07 6.15 2.42
N ALA A 394 18.65 4.90 2.61
CA ALA A 394 19.32 4.02 3.56
C ALA A 394 20.51 3.28 2.95
N ALA A 395 20.82 3.51 1.68
CA ALA A 395 21.91 2.83 1.01
C ALA A 395 23.15 3.69 0.86
N THR A 396 23.16 4.88 1.44
CA THR A 396 24.28 5.79 1.24
C THR A 396 25.49 5.34 2.05
N PRO A 397 26.70 5.58 1.53
CA PRO A 397 27.90 5.28 2.31
C PRO A 397 27.95 6.02 3.64
N LYS A 398 27.42 7.24 3.69
CA LYS A 398 27.38 7.98 4.94
C LYS A 398 26.54 7.23 5.98
N HIS A 399 25.36 6.76 5.58
CA HIS A 399 24.51 6.01 6.50
C HIS A 399 25.16 4.70 6.90
N LEU A 400 25.80 4.00 5.96
CA LEU A 400 26.47 2.75 6.29
C LEU A 400 27.60 2.97 7.30
N LYS A 401 28.40 4.03 7.09
CA LYS A 401 29.47 4.35 8.02
C LYS A 401 28.92 4.74 9.38
N SER A 402 27.82 5.49 9.41
CA SER A 402 27.23 5.89 10.69
C SER A 402 26.72 4.69 11.46
N ILE A 403 26.02 3.78 10.79
CA ILE A 403 25.53 2.58 11.47
C ILE A 403 26.69 1.66 11.84
N GLY A 404 27.80 1.75 11.11
CA GLY A 404 29.01 1.03 11.47
C GLY A 404 29.31 -0.17 10.61
N LEU A 405 28.49 -0.45 9.60
CA LEU A 405 28.74 -1.62 8.75
C LEU A 405 30.07 -1.48 8.01
N LEU A 406 30.37 -0.30 7.50
CA LEU A 406 31.63 -0.03 6.84
C LEU A 406 32.65 0.50 7.85
N SER A 407 33.92 0.32 7.53
CA SER A 407 34.99 0.86 8.36
C SER A 407 35.04 2.37 8.22
N PRO A 408 34.99 3.12 9.34
CA PRO A 408 34.96 4.59 9.23
C PRO A 408 36.21 5.18 8.59
N ASP A 409 37.33 4.46 8.58
CA ASP A 409 38.56 4.96 7.98
C ASP A 409 38.48 5.02 6.45
N PHE A 410 37.43 4.48 5.84
CA PHE A 410 37.29 4.49 4.39
C PHE A 410 36.98 5.88 3.84
N GLN A 411 37.39 6.11 2.60
CA GLN A 411 37.06 7.31 1.85
C GLN A 411 36.68 6.91 0.42
N GLU A 412 35.76 7.67 -0.17
CA GLU A 412 35.19 7.35 -1.47
C GLU A 412 35.84 8.17 -2.57
N ASP A 413 35.84 7.62 -3.79
CA ASP A 413 36.49 8.23 -4.95
C ASP A 413 35.48 8.37 -6.09
N ASN A 414 35.99 8.76 -7.27
CA ASN A 414 35.12 9.04 -8.40
C ASN A 414 34.56 7.76 -9.02
N GLU A 415 35.40 6.72 -9.13
CA GLU A 415 34.99 5.51 -9.83
C GLU A 415 33.83 4.83 -9.12
N THR A 416 33.86 4.77 -7.78
CA THR A 416 32.78 4.11 -7.06
C THR A 416 31.45 4.81 -7.27
N GLU A 417 31.45 6.13 -7.20
CA GLU A 417 30.22 6.88 -7.41
C GLU A 417 29.72 6.71 -8.84
N ILE A 418 30.61 6.76 -9.82
CA ILE A 418 30.19 6.58 -11.20
C ILE A 418 29.60 5.20 -11.43
N ASN A 419 30.24 4.17 -10.86
CA ASN A 419 29.73 2.80 -11.01
C ASN A 419 28.35 2.66 -10.38
N PHE A 420 28.18 3.20 -9.17
CA PHE A 420 26.90 3.10 -8.50
C PHE A 420 25.80 3.82 -9.29
N LEU A 421 26.12 5.02 -9.79
CA LEU A 421 25.13 5.76 -10.58
C LEU A 421 24.80 5.04 -11.87
N LEU A 422 25.78 4.39 -12.50
CA LEU A 422 25.49 3.68 -13.75
C LEU A 422 24.65 2.43 -13.48
N LYS A 423 24.89 1.73 -12.37
CA LYS A 423 24.04 0.60 -12.02
C LYS A 423 22.60 1.06 -11.77
N GLN A 424 22.43 2.12 -10.99
CA GLN A 424 21.09 2.63 -10.76
C GLN A 424 20.46 3.15 -12.03
N ALA A 425 21.28 3.64 -12.97
CA ALA A 425 20.75 4.09 -14.26
C ALA A 425 20.21 2.92 -15.06
N LEU A 426 21.00 1.85 -15.18
CA LEU A 426 20.50 0.67 -15.88
C LEU A 426 19.25 0.11 -15.21
N THR A 427 19.13 0.28 -13.89
CA THR A 427 17.94 -0.19 -13.21
C THR A 427 16.72 0.70 -13.47
N ILE A 428 16.91 2.01 -13.50
CA ILE A 428 15.82 2.98 -13.41
C ILE A 428 15.53 3.65 -14.76
N VAL A 429 16.54 4.22 -15.39
CA VAL A 429 16.33 4.94 -16.64
C VAL A 429 15.92 3.97 -17.74
N GLY A 430 16.49 2.76 -17.73
CA GLY A 430 16.20 1.81 -18.79
C GLY A 430 14.75 1.39 -18.87
N THR A 431 14.07 1.32 -17.72
CA THR A 431 12.68 0.87 -17.71
C THR A 431 11.70 1.97 -18.08
N LEU A 432 12.16 3.21 -18.26
CA LEU A 432 11.23 4.30 -18.54
C LEU A 432 10.78 4.29 -20.00
N PRO A 433 11.67 4.26 -21.00
CA PRO A 433 11.19 4.19 -22.38
C PRO A 433 10.38 2.95 -22.68
N PHE A 434 10.75 1.81 -22.09
CA PHE A 434 9.97 0.59 -22.30
C PHE A 434 8.57 0.72 -21.72
N THR A 435 8.45 1.27 -20.51
CA THR A 435 7.14 1.46 -19.91
C THR A 435 6.30 2.42 -20.73
N TYR A 436 6.90 3.54 -21.14
CA TYR A 436 6.18 4.51 -21.96
C TYR A 436 5.69 3.89 -23.26
N MET A 437 6.56 3.12 -23.94
CA MET A 437 6.19 2.53 -25.21
C MET A 437 5.09 1.49 -25.03
N LEU A 438 5.20 0.64 -24.01
CA LEU A 438 4.19 -0.39 -23.80
C LEU A 438 2.84 0.24 -23.47
N GLU A 439 2.83 1.24 -22.61
CA GLU A 439 1.57 1.89 -22.25
C GLU A 439 0.97 2.61 -23.44
N LYS A 440 1.79 3.27 -24.25
CA LYS A 440 1.26 3.94 -25.44
C LYS A 440 0.66 2.95 -26.42
N TRP A 441 1.35 1.84 -26.66
CA TRP A 441 0.81 0.82 -27.57
C TRP A 441 -0.48 0.23 -27.03
N ARG A 442 -0.54 -0.05 -25.73
CA ARG A 442 -1.75 -0.61 -25.17
C ARG A 442 -2.91 0.37 -25.23
N TRP A 443 -2.64 1.65 -24.97
CA TRP A 443 -3.69 2.66 -25.08
C TRP A 443 -4.19 2.78 -26.51
N MET A 444 -3.27 2.77 -27.48
CA MET A 444 -3.68 2.87 -28.88
C MET A 444 -4.50 1.64 -29.30
N VAL A 445 -4.10 0.45 -28.85
CA VAL A 445 -4.86 -0.75 -29.16
C VAL A 445 -6.25 -0.68 -28.56
N PHE A 446 -6.35 -0.21 -27.31
CA PHE A 446 -7.66 -0.05 -26.68
C PHE A 446 -8.51 0.96 -27.47
N LYS A 447 -7.91 2.09 -27.86
CA LYS A 447 -8.64 3.11 -28.60
C LYS A 447 -8.96 2.69 -30.02
N GLY A 448 -8.34 1.63 -30.52
CA GLY A 448 -8.60 1.21 -31.88
C GLY A 448 -7.80 1.94 -32.93
N GLU A 449 -6.84 2.78 -32.54
CA GLU A 449 -6.02 3.48 -33.50
C GLU A 449 -5.21 2.50 -34.34
N ILE A 450 -4.66 1.46 -33.70
CA ILE A 450 -3.82 0.48 -34.38
C ILE A 450 -4.70 -0.67 -34.84
N PRO A 451 -4.85 -0.88 -36.14
CA PRO A 451 -5.71 -1.97 -36.62
C PRO A 451 -5.11 -3.34 -36.34
N LYS A 452 -5.99 -4.35 -36.36
CA LYS A 452 -5.58 -5.72 -36.05
C LYS A 452 -4.52 -6.22 -37.01
N ASP A 453 -4.62 -5.85 -38.29
CA ASP A 453 -3.66 -6.31 -39.28
C ASP A 453 -2.31 -5.61 -39.17
N GLN A 454 -2.19 -4.61 -38.29
CA GLN A 454 -0.94 -3.88 -38.13
C GLN A 454 -0.52 -3.75 -36.67
N TRP A 455 -1.14 -4.49 -35.76
CA TRP A 455 -0.78 -4.46 -34.34
C TRP A 455 0.73 -4.55 -34.15
N MET A 456 1.33 -5.68 -34.53
CA MET A 456 2.74 -5.91 -34.24
C MET A 456 3.65 -5.04 -35.10
N LYS A 457 3.25 -4.75 -36.34
CA LYS A 457 4.05 -3.86 -37.17
C LYS A 457 4.22 -2.50 -36.52
N LYS A 458 3.10 -1.91 -36.09
CA LYS A 458 3.16 -0.62 -35.40
C LYS A 458 3.90 -0.75 -34.08
N TRP A 459 3.72 -1.87 -33.38
CA TRP A 459 4.42 -2.08 -32.11
C TRP A 459 5.93 -2.00 -32.31
N TRP A 460 6.45 -2.74 -33.28
CA TRP A 460 7.89 -2.78 -33.47
C TRP A 460 8.41 -1.47 -34.07
N GLU A 461 7.63 -0.82 -34.94
CA GLU A 461 8.05 0.48 -35.45
C GLU A 461 8.16 1.50 -34.31
N MET A 462 7.18 1.50 -33.40
CA MET A 462 7.23 2.43 -32.28
C MET A 462 8.34 2.08 -31.31
N LYS A 463 8.60 0.79 -31.10
CA LYS A 463 9.74 0.40 -30.26
C LYS A 463 11.05 0.87 -30.87
N ARG A 464 11.20 0.72 -32.19
CA ARG A 464 12.42 1.13 -32.85
C ARG A 464 12.58 2.66 -32.80
N GLU A 465 11.47 3.38 -32.93
CA GLU A 465 11.54 4.84 -32.91
C GLU A 465 11.72 5.40 -31.51
N ILE A 466 11.25 4.69 -30.47
CA ILE A 466 11.26 5.22 -29.12
C ILE A 466 12.36 4.59 -28.29
N VAL A 467 12.29 3.27 -28.11
CA VAL A 467 13.23 2.59 -27.23
C VAL A 467 14.54 2.26 -27.95
N GLY A 468 14.55 2.29 -29.27
CA GLY A 468 15.73 1.92 -30.02
C GLY A 468 16.07 0.44 -29.87
N VAL A 469 15.06 -0.40 -30.00
CA VAL A 469 15.21 -1.85 -29.89
C VAL A 469 14.53 -2.50 -31.09
N VAL A 470 15.21 -3.45 -31.72
CA VAL A 470 14.72 -4.09 -32.94
C VAL A 470 14.74 -5.60 -32.74
N GLU A 471 13.73 -6.27 -33.27
CA GLU A 471 13.64 -7.73 -33.12
C GLU A 471 14.73 -8.42 -33.93
N PRO A 472 15.25 -9.54 -33.45
CA PRO A 472 16.26 -10.28 -34.22
C PRO A 472 15.69 -10.88 -35.49
N VAL A 473 14.58 -11.59 -35.36
CA VAL A 473 13.87 -12.20 -36.48
C VAL A 473 12.57 -11.41 -36.68
N PRO A 474 12.28 -10.93 -37.88
CA PRO A 474 11.04 -10.18 -38.09
C PRO A 474 9.83 -11.05 -37.81
N HIS A 475 8.83 -10.47 -37.16
CA HIS A 475 7.61 -11.17 -36.78
C HIS A 475 6.43 -10.58 -37.51
N ASP A 476 5.67 -11.42 -38.20
CA ASP A 476 4.46 -11.00 -38.87
C ASP A 476 3.32 -10.91 -37.85
N GLU A 477 2.08 -10.77 -38.35
CA GLU A 477 0.95 -10.56 -37.46
C GLU A 477 0.62 -11.78 -36.61
N THR A 478 1.15 -12.96 -36.96
CA THR A 478 0.81 -14.17 -36.23
C THR A 478 1.27 -14.08 -34.77
N TYR A 479 2.49 -13.60 -34.55
CA TYR A 479 2.99 -13.47 -33.18
C TYR A 479 2.32 -12.30 -32.47
N CYS A 480 2.29 -12.40 -31.14
CA CYS A 480 1.78 -11.33 -30.27
C CYS A 480 2.83 -11.11 -29.19
N ASP A 481 3.83 -10.26 -29.50
CA ASP A 481 4.95 -10.08 -28.59
C ASP A 481 4.56 -9.49 -27.25
N PRO A 482 3.75 -8.42 -27.15
CA PRO A 482 3.48 -7.83 -25.83
C PRO A 482 2.82 -8.79 -24.86
N ALA A 483 2.07 -9.78 -25.35
CA ALA A 483 1.38 -10.71 -24.46
C ALA A 483 2.33 -11.55 -23.63
N SER A 484 3.62 -11.58 -23.98
CA SER A 484 4.58 -12.36 -23.19
C SER A 484 4.75 -11.79 -21.79
N LEU A 485 4.72 -10.47 -21.63
CA LEU A 485 4.93 -9.86 -20.33
C LEU A 485 3.78 -10.20 -19.38
N PHE A 486 4.12 -10.34 -18.10
CA PHE A 486 3.15 -10.74 -17.10
C PHE A 486 2.05 -9.70 -16.94
N HIS A 487 2.41 -8.42 -16.93
CA HIS A 487 1.42 -7.37 -16.74
C HIS A 487 0.44 -7.32 -17.92
N VAL A 488 0.94 -7.47 -19.14
CA VAL A 488 0.06 -7.46 -20.30
C VAL A 488 -0.82 -8.70 -20.33
N SER A 489 -0.26 -9.85 -19.93
CA SER A 489 -1.05 -11.08 -19.91
C SER A 489 -2.16 -11.01 -18.88
N ASN A 490 -1.86 -10.50 -17.69
CA ASN A 490 -2.82 -10.48 -16.59
C ASN A 490 -3.56 -9.15 -16.50
N ASP A 491 -3.35 -8.24 -17.43
CA ASP A 491 -4.09 -6.98 -17.53
C ASP A 491 -3.96 -6.15 -16.25
N TYR A 492 -2.71 -5.72 -16.01
CA TYR A 492 -2.39 -4.81 -14.94
C TYR A 492 -1.91 -3.48 -15.51
N SER A 493 -2.26 -2.39 -14.84
CA SER A 493 -1.79 -1.08 -15.25
C SER A 493 -0.27 -1.02 -15.16
N PHE A 494 0.36 -0.39 -16.15
CA PHE A 494 1.82 -0.44 -16.26
C PHE A 494 2.48 0.93 -16.21
N ILE A 495 1.71 2.01 -16.39
CA ILE A 495 2.27 3.36 -16.24
C ILE A 495 2.55 3.71 -14.79
N ARG A 496 2.12 2.86 -13.86
CA ARG A 496 2.41 3.05 -12.45
C ARG A 496 3.91 3.16 -12.22
N TYR A 497 4.70 2.37 -12.94
CA TYR A 497 6.14 2.37 -12.72
C TYR A 497 6.79 3.65 -13.24
N TYR A 498 6.34 4.16 -14.39
CA TYR A 498 6.81 5.46 -14.87
C TYR A 498 6.50 6.56 -13.86
N THR A 499 5.25 6.59 -13.39
CA THR A 499 4.87 7.61 -12.43
C THR A 499 5.68 7.49 -11.14
N ARG A 500 5.88 6.26 -10.66
CA ARG A 500 6.66 6.05 -9.45
C ARG A 500 8.12 6.48 -9.64
N THR A 501 8.68 6.21 -10.83
CA THR A 501 10.05 6.63 -11.10
C THR A 501 10.19 8.14 -11.01
N LEU A 502 9.23 8.89 -11.56
CA LEU A 502 9.31 10.34 -11.43
C LEU A 502 9.05 10.80 -9.99
N TYR A 503 8.07 10.17 -9.32
CA TYR A 503 7.65 10.61 -8.00
C TYR A 503 8.74 10.40 -6.96
N GLN A 504 9.47 9.28 -7.04
CA GLN A 504 10.49 9.01 -6.05
C GLN A 504 11.60 10.06 -6.12
N PHE A 505 11.99 10.45 -7.33
CA PHE A 505 13.04 11.45 -7.46
C PHE A 505 12.55 12.83 -7.03
N GLN A 506 11.30 13.17 -7.32
CA GLN A 506 10.77 14.44 -6.83
C GLN A 506 10.73 14.46 -5.30
N PHE A 507 10.30 13.36 -4.68
CA PHE A 507 10.30 13.27 -3.23
C PHE A 507 11.72 13.40 -2.68
N GLN A 508 12.68 12.74 -3.32
CA GLN A 508 14.06 12.81 -2.84
C GLN A 508 14.60 14.22 -2.94
N GLU A 509 14.34 14.92 -4.04
CA GLU A 509 14.80 16.30 -4.16
C GLU A 509 14.19 17.18 -3.07
N ALA A 510 12.88 17.05 -2.85
CA ALA A 510 12.24 17.87 -1.84
C ALA A 510 12.79 17.58 -0.44
N LEU A 511 12.94 16.30 -0.11
CA LEU A 511 13.41 15.94 1.22
C LEU A 511 14.87 16.29 1.42
N CYS A 512 15.70 16.22 0.37
CA CYS A 512 17.09 16.63 0.49
C CYS A 512 17.21 18.13 0.68
N GLN A 513 16.38 18.91 -0.03
CA GLN A 513 16.37 20.35 0.22
C GLN A 513 15.90 20.65 1.64
N ALA A 514 14.94 19.88 2.14
CA ALA A 514 14.48 20.07 3.52
C ALA A 514 15.59 19.73 4.52
N ALA A 515 16.35 18.67 4.27
CA ALA A 515 17.36 18.18 5.19
C ALA A 515 18.67 18.97 5.13
N LYS A 516 18.68 20.12 4.45
CA LYS A 516 19.84 21.01 4.40
C LYS A 516 21.07 20.27 3.89
N HIS A 517 20.91 19.59 2.75
CA HIS A 517 22.00 18.84 2.14
C HIS A 517 22.75 19.73 1.16
N GLU A 518 24.08 19.69 1.24
CA GLU A 518 24.95 20.33 0.25
C GLU A 518 25.73 19.24 -0.47
N GLY A 519 25.70 19.27 -1.80
CA GLY A 519 26.40 18.29 -2.60
C GLY A 519 25.49 17.65 -3.62
N PRO A 520 26.02 16.68 -4.36
CA PRO A 520 25.19 15.96 -5.34
C PRO A 520 24.08 15.17 -4.66
N LEU A 521 22.99 14.97 -5.40
CA LEU A 521 21.77 14.42 -4.80
C LEU A 521 21.89 12.94 -4.49
N HIS A 522 22.77 12.20 -5.15
CA HIS A 522 22.85 10.77 -4.90
C HIS A 522 23.39 10.46 -3.51
N LYS A 523 24.29 11.30 -2.99
CA LYS A 523 24.86 11.10 -1.67
C LYS A 523 24.07 11.87 -0.61
N CYS A 524 22.79 11.55 -0.54
CA CYS A 524 21.85 12.23 0.34
C CYS A 524 21.33 11.26 1.39
N ASP A 525 21.52 11.60 2.66
CA ASP A 525 21.02 10.83 3.79
C ASP A 525 20.13 11.72 4.64
N ILE A 526 18.95 11.22 4.97
CA ILE A 526 17.97 11.99 5.73
C ILE A 526 17.77 11.36 7.10
N SER A 527 18.84 10.74 7.62
CA SER A 527 18.76 9.96 8.85
C SER A 527 18.21 10.77 10.02
N ASN A 528 18.91 11.82 10.42
CA ASN A 528 18.57 12.57 11.61
C ASN A 528 17.84 13.88 11.31
N SER A 529 17.36 14.06 10.08
CA SER A 529 16.62 15.26 9.73
C SER A 529 15.16 15.09 10.13
N THR A 530 14.74 15.83 11.15
CA THR A 530 13.36 15.75 11.61
C THR A 530 12.41 16.53 10.71
N GLU A 531 12.89 17.59 10.05
CA GLU A 531 12.02 18.40 9.21
C GLU A 531 11.53 17.62 7.99
N ALA A 532 12.42 16.81 7.39
CA ALA A 532 12.03 16.02 6.22
C ALA A 532 10.94 15.03 6.57
N GLY A 533 11.03 14.42 7.76
CA GLY A 533 10.00 13.47 8.16
C GLY A 533 8.63 14.10 8.27
N GLN A 534 8.54 15.30 8.86
CA GLN A 534 7.26 15.98 8.95
C GLN A 534 6.77 16.43 7.57
N LYS A 535 7.69 16.89 6.72
CA LYS A 535 7.29 17.31 5.38
C LYS A 535 6.72 16.14 4.59
N LEU A 536 7.27 14.95 4.79
CA LEU A 536 6.70 13.76 4.14
C LEU A 536 5.39 13.34 4.81
N PHE A 537 5.33 13.43 6.14
CA PHE A 537 4.12 13.04 6.85
C PHE A 537 2.93 13.89 6.46
N ASN A 538 3.18 15.14 6.07
CA ASN A 538 2.09 16.00 5.59
C ASN A 538 1.33 15.36 4.43
N MET A 539 2.00 14.55 3.62
CA MET A 539 1.34 13.80 2.57
C MET A 539 0.94 12.40 3.03
N LEU A 540 1.79 11.77 3.84
CA LEU A 540 1.53 10.40 4.27
C LEU A 540 0.22 10.28 5.04
N ARG A 541 -0.10 11.28 5.86
CA ARG A 541 -1.33 11.24 6.64
C ARG A 541 -2.58 11.46 5.81
N LEU A 542 -2.46 12.08 4.63
CA LEU A 542 -3.65 12.41 3.85
C LEU A 542 -4.32 11.16 3.31
N GLY A 543 -3.55 10.27 2.68
CA GLY A 543 -4.17 9.15 1.99
C GLY A 543 -4.77 9.59 0.68
N LYS A 544 -5.98 9.10 0.41
CA LYS A 544 -6.71 9.46 -0.79
C LYS A 544 -7.71 10.59 -0.57
N SER A 545 -7.74 11.19 0.62
CA SER A 545 -8.73 12.23 0.91
C SER A 545 -8.55 13.43 -0.01
N GLU A 546 -7.32 13.83 -0.25
CA GLU A 546 -7.00 14.95 -1.10
C GLU A 546 -6.49 14.46 -2.45
N PRO A 547 -6.59 15.28 -3.49
CA PRO A 547 -6.06 14.88 -4.79
C PRO A 547 -4.55 14.71 -4.77
N TRP A 548 -4.08 13.82 -5.65
CA TRP A 548 -2.64 13.58 -5.74
C TRP A 548 -1.88 14.84 -6.15
N THR A 549 -2.54 15.75 -6.88
CA THR A 549 -1.91 17.03 -7.17
C THR A 549 -1.63 17.81 -5.90
N LEU A 550 -2.60 17.83 -4.98
CA LEU A 550 -2.40 18.55 -3.73
C LEU A 550 -1.35 17.86 -2.86
N ALA A 551 -1.33 16.52 -2.88
CA ALA A 551 -0.28 15.81 -2.14
C ALA A 551 1.10 16.14 -2.69
N LEU A 552 1.24 16.15 -4.01
CA LEU A 552 2.53 16.47 -4.61
C LEU A 552 2.91 17.92 -4.33
N GLU A 553 1.92 18.81 -4.29
CA GLU A 553 2.20 20.18 -3.87
C GLU A 553 2.73 20.22 -2.45
N ASN A 554 2.08 19.48 -1.54
CA ASN A 554 2.51 19.48 -0.15
C ASN A 554 3.95 18.99 -0.02
N VAL A 555 4.34 18.00 -0.81
CA VAL A 555 5.68 17.45 -0.65
C VAL A 555 6.73 18.31 -1.35
N VAL A 556 6.54 18.61 -2.63
CA VAL A 556 7.63 19.18 -3.43
C VAL A 556 7.39 20.63 -3.84
N GLY A 557 6.21 21.19 -3.58
CA GLY A 557 5.94 22.54 -4.03
C GLY A 557 5.51 22.68 -5.47
N ALA A 558 5.20 21.58 -6.15
CA ALA A 558 4.76 21.60 -7.53
C ALA A 558 3.52 20.73 -7.69
N LYS A 559 2.59 21.18 -8.52
CA LYS A 559 1.33 20.47 -8.72
C LYS A 559 1.40 19.43 -9.82
N ASN A 560 2.51 19.36 -10.56
CA ASN A 560 2.64 18.45 -11.68
C ASN A 560 3.93 17.65 -11.54
N MET A 561 3.92 16.44 -12.09
CA MET A 561 5.11 15.60 -12.04
C MET A 561 6.24 16.23 -12.86
N ASN A 562 7.44 16.21 -12.29
CA ASN A 562 8.61 16.83 -12.91
C ASN A 562 9.73 15.80 -13.00
N VAL A 563 10.52 15.90 -14.07
CA VAL A 563 11.63 14.98 -14.30
C VAL A 563 12.98 15.63 -14.03
N ARG A 564 12.99 16.94 -13.79
CA ARG A 564 14.23 17.61 -13.36
C ARG A 564 14.86 16.97 -12.13
N PRO A 565 14.11 16.44 -11.15
CA PRO A 565 14.78 15.66 -10.11
C PRO A 565 15.60 14.50 -10.64
N LEU A 566 15.07 13.75 -11.61
CA LEU A 566 15.85 12.66 -12.21
C LEU A 566 17.07 13.21 -12.94
N LEU A 567 16.90 14.30 -13.69
CA LEU A 567 18.03 14.87 -14.42
C LEU A 567 19.12 15.34 -13.47
N ASN A 568 18.74 16.00 -12.38
CA ASN A 568 19.72 16.44 -11.39
C ASN A 568 20.36 15.27 -10.67
N TYR A 569 19.61 14.19 -10.45
CA TYR A 569 20.16 12.99 -9.85
C TYR A 569 21.25 12.39 -10.73
N PHE A 570 21.00 12.32 -12.03
CA PHE A 570 21.92 11.65 -12.95
C PHE A 570 22.87 12.61 -13.65
N GLU A 571 22.91 13.87 -13.24
CA GLU A 571 23.87 14.83 -13.80
C GLU A 571 25.32 14.35 -13.79
N PRO A 572 25.88 13.80 -12.69
CA PRO A 572 27.28 13.36 -12.76
C PRO A 572 27.48 12.22 -13.74
N LEU A 573 26.59 11.24 -13.73
CA LEU A 573 26.66 10.16 -14.71
C LEU A 573 26.46 10.68 -16.12
N PHE A 574 25.63 11.72 -16.28
CA PHE A 574 25.46 12.32 -17.60
C PHE A 574 26.76 12.96 -18.07
N THR A 575 27.48 13.62 -17.16
CA THR A 575 28.79 14.16 -17.49
C THR A 575 29.77 13.06 -17.89
N TRP A 576 29.75 11.94 -17.15
CA TRP A 576 30.61 10.82 -17.49
C TRP A 576 30.25 10.26 -18.87
N LEU A 577 28.96 10.17 -19.17
CA LEU A 577 28.51 9.65 -20.46
C LEU A 577 28.91 10.59 -21.60
N LYS A 578 28.82 11.90 -21.37
CA LYS A 578 29.29 12.84 -22.37
C LYS A 578 30.78 12.68 -22.62
N ASP A 579 31.56 12.45 -21.55
CA ASP A 579 32.99 12.23 -21.70
C ASP A 579 33.28 10.95 -22.48
N GLN A 580 32.55 9.87 -22.16
CA GLN A 580 32.84 8.58 -22.78
C GLN A 580 32.41 8.54 -24.24
N ASN A 581 31.20 9.01 -24.54
CA ASN A 581 30.60 8.87 -25.86
C ASN A 581 30.94 10.02 -26.79
N LYS A 582 31.93 10.84 -26.44
CA LYS A 582 32.28 11.98 -27.29
C LYS A 582 32.68 11.55 -28.69
N ASN A 583 33.22 10.34 -28.83
CA ASN A 583 33.63 9.81 -30.13
C ASN A 583 32.63 8.85 -30.73
N SER A 584 31.49 8.64 -30.08
CA SER A 584 30.51 7.65 -30.51
C SER A 584 29.25 8.34 -31.02
N PHE A 585 28.69 7.79 -32.10
CA PHE A 585 27.46 8.34 -32.65
C PHE A 585 26.29 8.07 -31.71
N VAL A 586 25.80 9.13 -31.08
CA VAL A 586 24.68 9.03 -30.15
C VAL A 586 23.38 9.06 -30.95
N GLY A 587 22.46 8.17 -30.61
CA GLY A 587 21.26 7.98 -31.37
C GLY A 587 21.25 6.65 -32.11
N TRP A 588 20.17 6.44 -32.87
CA TRP A 588 20.00 5.20 -33.62
C TRP A 588 19.17 5.48 -34.86
N SER A 589 19.34 4.61 -35.86
CA SER A 589 18.61 4.72 -37.12
C SER A 589 17.66 3.53 -37.26
N THR A 590 16.48 3.79 -37.82
CA THR A 590 15.48 2.75 -37.98
C THR A 590 15.77 1.80 -39.13
N ASP A 591 16.63 2.20 -40.07
CA ASP A 591 16.85 1.38 -41.26
C ASP A 591 17.52 0.05 -40.92
N TRP A 592 18.49 0.07 -40.01
CA TRP A 592 19.26 -1.13 -39.72
C TRP A 592 18.40 -2.18 -39.03
N SER A 593 18.63 -3.45 -39.39
CA SER A 593 17.93 -4.58 -38.80
C SER A 593 18.89 -5.75 -38.72
N PRO A 594 18.74 -6.62 -37.71
CA PRO A 594 19.61 -7.80 -37.63
C PRO A 594 19.47 -8.74 -38.82
N TYR A 595 18.29 -8.84 -39.41
CA TYR A 595 18.05 -9.76 -40.51
C TYR A 595 18.35 -9.08 -41.84
N ALA A 596 19.08 -9.78 -42.71
CA ALA A 596 19.44 -9.24 -44.01
C ALA A 596 19.21 -10.28 -45.10
N ILE B 14 -13.66 -6.00 60.92
CA ILE B 14 -14.22 -4.83 60.26
C ILE B 14 -15.73 -5.03 60.10
N THR B 15 -16.47 -3.93 60.07
CA THR B 15 -17.92 -4.00 59.92
C THR B 15 -18.30 -4.18 58.45
N ASN B 16 -17.84 -3.29 57.59
CA ASN B 16 -18.29 -3.28 56.21
C ASN B 16 -17.09 -3.10 55.28
N LEU B 17 -17.31 -3.44 54.01
CA LEU B 17 -16.37 -3.16 52.95
C LEU B 17 -17.14 -2.63 51.74
N CYS B 18 -16.48 -1.80 50.94
CA CYS B 18 -17.11 -1.37 49.71
C CYS B 18 -16.84 -2.39 48.61
N PRO B 19 -17.88 -2.81 47.86
CA PRO B 19 -17.69 -3.85 46.85
C PRO B 19 -16.87 -3.37 45.66
N PHE B 20 -15.67 -2.84 45.92
CA PHE B 20 -14.80 -2.43 44.83
C PHE B 20 -14.20 -3.62 44.09
N HIS B 21 -14.05 -4.75 44.79
CA HIS B 21 -13.56 -5.96 44.13
C HIS B 21 -14.60 -6.60 43.22
N GLU B 22 -15.86 -6.14 43.27
CA GLU B 22 -16.90 -6.67 42.41
C GLU B 22 -17.17 -5.80 41.19
N VAL B 23 -17.06 -4.47 41.32
CA VAL B 23 -17.23 -3.60 40.16
C VAL B 23 -16.16 -3.89 39.12
N PHE B 24 -14.92 -4.09 39.57
CA PHE B 24 -13.91 -4.72 38.73
C PHE B 24 -13.99 -6.24 38.90
N ASN B 25 -13.20 -6.94 38.11
CA ASN B 25 -13.11 -8.40 38.20
C ASN B 25 -14.49 -9.04 38.05
N ALA B 26 -15.30 -8.49 37.16
CA ALA B 26 -16.66 -8.97 36.95
C ALA B 26 -16.77 -9.97 35.81
N THR B 27 -15.70 -10.17 35.05
CA THR B 27 -15.60 -11.19 34.00
C THR B 27 -16.54 -10.91 32.84
N THR B 28 -17.36 -9.86 32.94
CA THR B 28 -18.28 -9.48 31.87
C THR B 28 -18.78 -8.07 32.16
N PHE B 29 -18.65 -7.18 31.18
CA PHE B 29 -19.08 -5.80 31.36
C PHE B 29 -20.28 -5.44 30.50
N ALA B 30 -21.01 -6.44 30.01
CA ALA B 30 -22.16 -6.23 29.11
C ALA B 30 -21.65 -5.41 27.92
N SER B 31 -22.31 -4.32 27.55
CA SER B 31 -21.89 -3.50 26.43
C SER B 31 -21.87 -2.04 26.85
N VAL B 32 -21.60 -1.15 25.90
CA VAL B 32 -21.61 0.27 26.17
C VAL B 32 -22.88 0.95 25.67
N TYR B 33 -23.62 0.32 24.77
CA TYR B 33 -24.92 0.86 24.38
C TYR B 33 -25.91 0.81 25.54
N ALA B 34 -25.75 -0.18 26.41
CA ALA B 34 -26.51 -0.28 27.66
C ALA B 34 -25.49 -0.49 28.76
N TRP B 35 -24.92 0.61 29.26
CA TRP B 35 -23.83 0.53 30.22
C TRP B 35 -24.36 0.15 31.60
N ASN B 36 -23.66 -0.77 32.25
CA ASN B 36 -24.07 -1.22 33.58
C ASN B 36 -23.91 -0.08 34.58
N ARG B 37 -24.98 0.21 35.31
CA ARG B 37 -25.00 1.26 36.31
C ARG B 37 -25.06 0.60 37.68
N LYS B 38 -24.05 0.85 38.51
CA LYS B 38 -23.95 0.25 39.84
C LYS B 38 -23.94 1.37 40.87
N ARG B 39 -24.83 1.26 41.86
CA ARG B 39 -24.92 2.25 42.92
C ARG B 39 -24.41 1.63 44.22
N ILE B 40 -23.46 2.31 44.86
CA ILE B 40 -22.81 1.83 46.07
C ILE B 40 -22.98 2.86 47.16
N SER B 41 -23.37 2.41 48.36
CA SER B 41 -23.50 3.30 49.51
C SER B 41 -23.38 2.48 50.78
N ASN B 42 -23.07 3.17 51.88
CA ASN B 42 -23.01 2.58 53.21
C ASN B 42 -21.98 1.44 53.28
N CYS B 43 -20.71 1.81 53.07
CA CYS B 43 -19.63 0.84 53.18
C CYS B 43 -18.34 1.57 53.53
N VAL B 44 -17.37 0.80 53.99
CA VAL B 44 -16.04 1.33 54.30
C VAL B 44 -15.26 1.44 53.00
N ALA B 45 -14.83 2.66 52.65
CA ALA B 45 -14.15 2.91 51.39
C ALA B 45 -12.67 2.58 51.53
N ASP B 46 -12.22 1.57 50.79
CA ASP B 46 -10.82 1.15 50.76
C ASP B 46 -10.40 1.00 49.31
N TYR B 47 -9.40 1.77 48.89
CA TYR B 47 -8.94 1.81 47.52
C TYR B 47 -7.65 1.03 47.31
N SER B 48 -7.23 0.26 48.32
CA SER B 48 -6.00 -0.52 48.20
C SER B 48 -6.12 -1.54 47.07
N VAL B 49 -7.26 -2.22 46.97
CA VAL B 49 -7.45 -3.22 45.91
C VAL B 49 -7.51 -2.52 44.56
N ILE B 50 -8.14 -1.35 44.49
CA ILE B 50 -8.22 -0.61 43.23
C ILE B 50 -6.83 -0.27 42.72
N TYR B 51 -5.97 0.23 43.62
CA TYR B 51 -4.61 0.54 43.21
C TYR B 51 -3.77 -0.71 43.01
N ASN B 52 -4.15 -1.83 43.64
CA ASN B 52 -3.40 -3.06 43.49
C ASN B 52 -3.80 -3.85 42.24
N PHE B 53 -4.86 -3.45 41.56
CA PHE B 53 -5.17 -4.06 40.27
C PHE B 53 -4.17 -3.60 39.22
N ALA B 54 -4.38 -4.05 37.98
CA ALA B 54 -3.37 -3.89 36.94
C ALA B 54 -3.10 -2.42 36.66
N PRO B 55 -1.91 -2.08 36.18
CA PRO B 55 -1.62 -0.69 35.82
C PRO B 55 -2.61 -0.16 34.80
N PHE B 56 -2.96 1.11 34.93
CA PHE B 56 -4.10 1.69 34.24
C PHE B 56 -3.63 2.49 33.03
N PHE B 57 -4.26 2.23 31.89
CA PHE B 57 -3.95 2.99 30.69
C PHE B 57 -4.35 4.46 30.84
N ALA B 58 -5.50 4.71 31.46
CA ALA B 58 -5.99 6.08 31.67
C ALA B 58 -6.68 6.13 33.03
N PHE B 59 -6.15 6.96 33.92
CA PHE B 59 -6.72 7.19 35.25
C PHE B 59 -6.76 8.70 35.48
N LYS B 60 -7.87 9.31 35.10
CA LYS B 60 -8.06 10.75 35.26
C LYS B 60 -9.21 11.00 36.24
N CYS B 61 -8.94 11.84 37.24
CA CYS B 61 -9.94 12.25 38.22
C CYS B 61 -10.24 13.72 38.03
N TYR B 62 -11.52 14.05 37.88
CA TYR B 62 -11.91 15.41 37.52
C TYR B 62 -12.34 16.24 38.73
N GLY B 63 -12.83 15.59 39.78
CA GLY B 63 -13.37 16.33 40.90
C GLY B 63 -12.42 16.55 42.06
N VAL B 64 -11.78 15.49 42.53
CA VAL B 64 -10.97 15.54 43.75
C VAL B 64 -9.65 14.87 43.49
N SER B 65 -8.63 15.24 44.26
CA SER B 65 -7.35 14.55 44.21
C SER B 65 -7.53 13.11 44.72
N PRO B 66 -6.78 12.15 44.15
CA PRO B 66 -6.96 10.75 44.58
C PRO B 66 -6.75 10.53 46.07
N THR B 67 -5.78 11.21 46.68
CA THR B 67 -5.58 11.07 48.11
C THR B 67 -6.71 11.72 48.90
N LYS B 68 -7.09 12.94 48.52
CA LYS B 68 -8.14 13.67 49.22
C LYS B 68 -9.52 13.06 49.01
N LEU B 69 -9.65 12.09 48.10
CA LEU B 69 -10.89 11.35 47.99
C LEU B 69 -11.28 10.71 49.32
N ASN B 70 -10.29 10.27 50.09
CA ASN B 70 -10.55 9.72 51.42
C ASN B 70 -10.96 10.80 52.42
N ASP B 71 -10.47 12.03 52.27
CA ASP B 71 -10.88 13.12 53.14
C ASP B 71 -12.33 13.53 52.93
N LEU B 72 -12.82 13.45 51.70
CA LEU B 72 -14.17 13.88 51.39
C LEU B 72 -15.13 12.70 51.44
N CYS B 73 -16.23 12.88 52.16
CA CYS B 73 -17.22 11.84 52.39
C CYS B 73 -18.38 12.03 51.42
N PHE B 74 -18.79 10.95 50.77
CA PHE B 74 -19.84 10.99 49.76
C PHE B 74 -20.95 10.03 50.13
N THR B 75 -22.19 10.51 50.08
CA THR B 75 -23.33 9.65 50.37
C THR B 75 -23.58 8.65 49.26
N ASN B 76 -23.54 9.10 48.01
CA ASN B 76 -23.84 8.26 46.86
C ASN B 76 -22.64 8.17 45.94
N VAL B 77 -22.24 6.95 45.62
CA VAL B 77 -21.16 6.67 44.68
C VAL B 77 -21.74 5.86 43.54
N TYR B 78 -21.63 6.38 42.32
CA TYR B 78 -22.18 5.74 41.13
C TYR B 78 -21.04 5.12 40.33
N ALA B 79 -21.16 3.84 40.00
CA ALA B 79 -20.17 3.11 39.24
C ALA B 79 -20.76 2.68 37.91
N ASP B 80 -20.07 3.00 36.82
CA ASP B 80 -20.49 2.64 35.46
C ASP B 80 -19.37 1.86 34.80
N SER B 81 -19.67 0.63 34.38
CA SER B 81 -18.67 -0.27 33.82
C SER B 81 -19.05 -0.64 32.40
N PHE B 82 -18.08 -0.56 31.49
CA PHE B 82 -18.31 -0.87 30.08
C PHE B 82 -16.97 -1.14 29.41
N VAL B 83 -17.04 -1.69 28.20
CA VAL B 83 -15.87 -1.99 27.39
C VAL B 83 -15.97 -1.19 26.10
N ILE B 84 -14.91 -0.44 25.78
CA ILE B 84 -14.83 0.35 24.56
C ILE B 84 -13.45 0.16 23.96
N ARG B 85 -13.32 0.60 22.71
CA ARG B 85 -12.04 0.52 22.02
C ARG B 85 -11.02 1.46 22.67
N GLY B 86 -9.76 1.29 22.27
CA GLY B 86 -8.70 2.08 22.86
C GLY B 86 -8.85 3.57 22.58
N ASN B 87 -9.11 3.92 21.33
CA ASN B 87 -9.19 5.33 20.96
C ASN B 87 -10.48 5.99 21.41
N GLU B 88 -11.49 5.21 21.77
CA GLU B 88 -12.75 5.78 22.25
C GLU B 88 -12.70 6.18 23.71
N VAL B 89 -11.61 5.88 24.42
CA VAL B 89 -11.47 6.33 25.80
C VAL B 89 -11.40 7.84 25.86
N SER B 90 -10.68 8.46 24.92
CA SER B 90 -10.57 9.90 24.88
C SER B 90 -11.91 10.58 24.67
N GLN B 91 -12.90 9.86 24.11
CA GLN B 91 -14.24 10.42 23.98
C GLN B 91 -14.98 10.45 25.31
N ILE B 92 -14.59 9.61 26.27
CA ILE B 92 -15.25 9.58 27.58
C ILE B 92 -14.52 10.61 28.45
N ALA B 93 -14.93 11.86 28.29
CA ALA B 93 -14.38 12.98 29.05
C ALA B 93 -15.34 14.15 28.93
N PRO B 94 -15.40 15.03 29.93
CA PRO B 94 -16.29 16.18 29.84
C PRO B 94 -15.99 17.03 28.62
N GLY B 95 -17.04 17.45 27.93
CA GLY B 95 -16.89 18.33 26.79
C GLY B 95 -16.29 17.68 25.55
N GLN B 96 -16.37 16.37 25.41
CA GLN B 96 -15.82 15.67 24.26
C GLN B 96 -16.92 15.39 23.24
N THR B 97 -16.59 15.59 21.97
CA THR B 97 -17.48 15.31 20.86
C THR B 97 -16.99 14.09 20.10
N GLY B 98 -17.90 13.16 19.86
CA GLY B 98 -17.55 11.91 19.19
C GLY B 98 -18.71 10.95 19.26
N ASN B 99 -18.59 9.88 18.47
CA ASN B 99 -19.69 8.94 18.32
C ASN B 99 -20.10 8.34 19.66
N ILE B 100 -19.14 7.78 20.40
CA ILE B 100 -19.45 7.17 21.68
C ILE B 100 -19.97 8.23 22.66
N ALA B 101 -19.31 9.39 22.68
CA ALA B 101 -19.67 10.43 23.65
C ALA B 101 -21.11 10.89 23.47
N ASP B 102 -21.55 11.06 22.23
CA ASP B 102 -22.89 11.61 22.01
C ASP B 102 -23.97 10.56 21.83
N TYR B 103 -23.63 9.30 21.54
CA TYR B 103 -24.65 8.30 21.28
C TYR B 103 -24.66 7.12 22.24
N ASN B 104 -23.65 6.97 23.10
CA ASN B 104 -23.60 5.83 24.00
C ASN B 104 -23.63 6.24 25.47
N TYR B 105 -22.74 7.12 25.89
CA TYR B 105 -22.64 7.49 27.30
C TYR B 105 -21.98 8.87 27.39
N LYS B 106 -22.74 9.87 27.81
CA LYS B 106 -22.29 11.25 27.84
C LYS B 106 -22.09 11.68 29.29
N LEU B 107 -20.84 12.01 29.64
CA LEU B 107 -20.56 12.61 30.94
C LEU B 107 -20.94 14.09 30.93
N PRO B 108 -21.36 14.62 32.07
CA PRO B 108 -21.75 16.03 32.11
C PRO B 108 -20.55 16.95 31.99
N ASP B 109 -20.84 18.22 31.66
CA ASP B 109 -19.78 19.21 31.52
C ASP B 109 -19.04 19.43 32.84
N ASP B 110 -19.77 19.43 33.95
CA ASP B 110 -19.20 19.63 35.28
C ASP B 110 -19.08 18.33 36.04
N PHE B 111 -18.73 17.25 35.35
CA PHE B 111 -18.64 15.94 35.97
C PHE B 111 -17.55 15.92 37.03
N THR B 112 -17.87 15.32 38.17
CA THR B 112 -16.92 15.14 39.27
C THR B 112 -16.80 13.65 39.55
N GLY B 113 -15.73 13.04 39.07
CA GLY B 113 -15.53 11.61 39.24
C GLY B 113 -14.23 11.19 38.60
N CYS B 114 -13.92 9.91 38.78
CA CYS B 114 -12.68 9.32 38.30
C CYS B 114 -12.99 8.33 37.17
N VAL B 115 -12.25 8.45 36.07
CA VAL B 115 -12.36 7.54 34.94
C VAL B 115 -11.18 6.60 34.98
N ILE B 116 -11.44 5.31 35.19
CA ILE B 116 -10.40 4.30 35.34
C ILE B 116 -10.52 3.33 34.18
N ALA B 117 -9.43 3.17 33.42
CA ALA B 117 -9.41 2.30 32.26
C ALA B 117 -8.17 1.43 32.28
N TRP B 118 -8.36 0.13 32.03
CA TRP B 118 -7.25 -0.79 31.91
C TRP B 118 -7.57 -1.82 30.85
N ASN B 119 -6.52 -2.33 30.20
CA ASN B 119 -6.68 -3.18 29.04
C ASN B 119 -7.31 -4.51 29.41
N SER B 120 -8.19 -5.01 28.54
CA SER B 120 -8.87 -6.28 28.74
C SER B 120 -8.65 -7.23 27.57
N ASN B 121 -7.61 -7.00 26.77
CA ASN B 121 -7.34 -7.86 25.62
C ASN B 121 -6.99 -9.28 26.04
N LYS B 122 -6.32 -9.43 27.18
CA LYS B 122 -5.90 -10.76 27.62
C LYS B 122 -7.09 -11.65 27.95
N LEU B 123 -8.22 -11.07 28.35
CA LEU B 123 -9.37 -11.85 28.82
C LEU B 123 -10.55 -11.82 27.86
N ASP B 124 -10.91 -10.65 27.34
CA ASP B 124 -12.17 -10.49 26.61
C ASP B 124 -12.01 -10.53 25.10
N SER B 125 -10.86 -10.98 24.60
CA SER B 125 -10.62 -11.09 23.16
C SER B 125 -10.65 -12.56 22.76
N LYS B 126 -11.42 -12.88 21.72
CA LYS B 126 -11.48 -14.23 21.21
C LYS B 126 -11.03 -14.27 19.75
N PRO B 127 -10.32 -15.33 19.34
CA PRO B 127 -9.86 -15.40 17.95
C PRO B 127 -11.00 -15.36 16.93
N SER B 128 -12.14 -16.00 17.24
CA SER B 128 -13.24 -16.04 16.28
C SER B 128 -13.92 -14.68 16.15
N GLY B 129 -13.81 -13.84 17.17
CA GLY B 129 -14.44 -12.53 17.14
C GLY B 129 -15.55 -12.40 18.16
N ASN B 130 -15.29 -11.65 19.24
CA ASN B 130 -16.26 -11.46 20.31
C ASN B 130 -17.23 -10.36 19.90
N TYR B 131 -18.35 -10.77 19.33
CA TYR B 131 -19.38 -9.84 18.88
C TYR B 131 -20.41 -9.52 19.96
N ASN B 132 -20.20 -9.98 21.20
CA ASN B 132 -21.15 -9.69 22.27
C ASN B 132 -21.22 -8.20 22.55
N TYR B 133 -20.08 -7.53 22.61
CA TYR B 133 -20.06 -6.10 22.92
C TYR B 133 -20.50 -5.30 21.72
N ARG B 134 -21.41 -4.35 21.96
CA ARG B 134 -22.00 -3.56 20.88
C ARG B 134 -21.98 -2.09 21.27
N TYR B 135 -22.03 -1.23 20.26
CA TYR B 135 -22.12 0.21 20.47
C TYR B 135 -23.07 0.80 19.43
N ARG B 136 -23.65 1.94 19.77
CA ARG B 136 -24.69 2.55 18.94
C ARG B 136 -24.06 3.62 18.04
N LEU B 137 -24.44 3.61 16.77
CA LEU B 137 -23.86 4.52 15.79
C LEU B 137 -24.90 5.29 14.98
N LEU B 138 -26.18 5.20 15.34
CA LEU B 138 -27.23 5.96 14.68
C LEU B 138 -28.31 6.28 15.69
N ARG B 139 -28.43 7.56 16.05
CA ARG B 139 -29.47 8.02 16.95
C ARG B 139 -30.07 9.31 16.40
N LYS B 140 -31.34 9.56 16.76
CA LYS B 140 -32.04 10.71 16.21
C LYS B 140 -31.41 12.03 16.65
N SER B 141 -31.03 12.14 17.91
CA SER B 141 -30.40 13.35 18.43
C SER B 141 -29.35 12.98 19.46
N LYS B 142 -28.65 13.98 19.96
CA LYS B 142 -27.64 13.74 20.99
C LYS B 142 -28.29 13.36 22.31
N LEU B 143 -27.59 12.53 23.08
CA LEU B 143 -28.08 12.10 24.37
C LEU B 143 -27.85 13.15 25.44
N LYS B 144 -28.81 13.28 26.34
CA LYS B 144 -28.64 14.13 27.51
C LYS B 144 -27.64 13.49 28.47
N PRO B 145 -26.97 14.29 29.30
CA PRO B 145 -25.94 13.74 30.18
C PRO B 145 -26.49 12.67 31.11
N PHE B 146 -25.70 11.62 31.32
CA PHE B 146 -26.04 10.50 32.19
C PHE B 146 -27.38 9.88 31.80
N GLU B 147 -27.41 9.33 30.59
CA GLU B 147 -28.60 8.69 30.05
C GLU B 147 -28.23 7.35 29.44
N ARG B 148 -29.16 6.40 29.51
CA ARG B 148 -28.99 5.07 28.94
C ARG B 148 -30.16 4.78 28.01
N ASP B 149 -29.86 4.59 26.73
CA ASP B 149 -30.88 4.34 25.70
C ASP B 149 -30.70 2.93 25.16
N ILE B 150 -31.65 2.06 25.46
CA ILE B 150 -31.60 0.65 25.08
C ILE B 150 -32.62 0.32 23.99
N SER B 151 -33.29 1.33 23.44
CA SER B 151 -34.30 1.09 22.43
C SER B 151 -33.65 0.90 21.08
N THR B 152 -33.93 -0.23 20.43
CA THR B 152 -33.30 -0.63 19.18
C THR B 152 -34.39 -0.90 18.15
N GLU B 153 -34.76 0.14 17.40
CA GLU B 153 -35.68 -0.01 16.29
C GLU B 153 -35.04 0.51 15.01
N ILE B 154 -35.65 0.15 13.88
CA ILE B 154 -35.07 0.42 12.56
C ILE B 154 -34.90 1.92 12.34
N TYR B 155 -33.64 2.36 12.23
CA TYR B 155 -33.36 3.77 12.02
C TYR B 155 -33.94 4.24 10.70
N GLN B 156 -34.62 5.38 10.73
CA GLN B 156 -35.29 5.92 9.55
C GLN B 156 -34.44 7.05 8.98
N ALA B 157 -33.42 6.66 8.21
CA ALA B 157 -32.60 7.63 7.50
C ALA B 157 -33.29 8.17 6.26
N GLY B 158 -34.17 7.40 5.63
CA GLY B 158 -34.82 7.84 4.43
C GLY B 158 -36.12 8.57 4.69
N ASN B 159 -36.50 9.40 3.72
CA ASN B 159 -37.74 10.18 3.82
C ASN B 159 -38.98 9.35 3.52
N LYS B 160 -38.80 8.16 3.00
CA LYS B 160 -39.85 7.16 2.87
C LYS B 160 -39.99 6.39 4.18
N PRO B 161 -41.20 5.94 4.51
CA PRO B 161 -41.37 5.21 5.77
C PRO B 161 -40.63 3.88 5.73
N CYS B 162 -39.89 3.60 6.81
CA CYS B 162 -39.24 2.30 6.92
C CYS B 162 -40.26 1.16 7.00
N ASN B 163 -41.48 1.45 7.48
CA ASN B 163 -42.53 0.44 7.62
C ASN B 163 -42.06 -0.75 8.44
N GLY B 164 -41.16 -0.51 9.38
CA GLY B 164 -40.73 -1.54 10.32
C GLY B 164 -39.68 -2.48 9.79
N VAL B 165 -39.27 -2.35 8.54
CA VAL B 165 -38.26 -3.22 7.95
C VAL B 165 -37.01 -2.41 7.66
N ALA B 166 -35.95 -3.11 7.31
CA ALA B 166 -34.65 -2.52 7.05
C ALA B 166 -34.27 -2.69 5.58
N GLY B 167 -33.06 -2.23 5.25
CA GLY B 167 -32.56 -2.33 3.91
C GLY B 167 -32.26 -0.97 3.31
N PRO B 168 -33.03 -0.57 2.29
CA PRO B 168 -32.83 0.74 1.69
C PRO B 168 -33.11 1.88 2.65
N ASN B 169 -32.07 2.63 3.01
CA ASN B 169 -32.20 3.82 3.87
C ASN B 169 -32.80 3.49 5.24
N CYS B 170 -32.70 2.25 5.69
CA CYS B 170 -33.30 1.86 7.00
C CYS B 170 -32.36 0.91 7.74
N TYR B 171 -31.64 1.38 8.73
CA TYR B 171 -30.61 0.50 9.31
C TYR B 171 -30.89 0.14 10.75
N SER B 172 -30.01 -0.64 11.37
CA SER B 172 -30.23 -1.09 12.75
C SER B 172 -29.39 -0.20 13.62
N PRO B 173 -29.81 0.15 14.83
CA PRO B 173 -29.09 1.17 15.53
C PRO B 173 -27.77 0.68 16.09
N LEU B 174 -27.58 -0.62 16.16
CA LEU B 174 -26.38 -1.12 16.85
C LEU B 174 -25.40 -1.80 15.90
N GLN B 175 -24.10 -1.71 16.21
CA GLN B 175 -23.04 -2.39 15.43
C GLN B 175 -22.05 -2.93 16.46
N SER B 176 -21.66 -4.20 16.36
CA SER B 176 -20.81 -4.77 17.40
C SER B 176 -19.35 -4.53 17.03
N TYR B 177 -18.50 -4.47 18.05
CA TYR B 177 -17.06 -4.66 17.88
C TYR B 177 -16.76 -6.13 17.64
N GLY B 178 -15.80 -6.39 16.75
CA GLY B 178 -15.23 -7.71 16.68
C GLY B 178 -13.84 -7.72 17.27
N PHE B 179 -13.70 -8.25 18.48
CA PHE B 179 -12.44 -8.19 19.22
C PHE B 179 -11.67 -9.50 19.03
N ARG B 180 -10.45 -9.37 18.51
CA ARG B 180 -9.58 -10.56 18.32
C ARG B 180 -8.22 -10.23 18.90
N PRO B 181 -7.48 -11.17 19.50
CA PRO B 181 -6.22 -10.88 20.18
C PRO B 181 -5.13 -10.31 19.26
N THR B 182 -5.19 -10.60 17.97
CA THR B 182 -4.17 -10.09 17.05
C THR B 182 -4.29 -8.60 16.81
N TYR B 183 -5.36 -7.97 17.27
CA TYR B 183 -5.58 -6.55 17.02
C TYR B 183 -4.49 -5.71 17.68
N GLY B 184 -4.13 -4.62 17.02
CA GLY B 184 -3.17 -3.70 17.59
C GLY B 184 -3.80 -2.73 18.56
N VAL B 185 -2.95 -1.99 19.27
CA VAL B 185 -3.43 -0.99 20.20
C VAL B 185 -4.16 0.10 19.43
N GLY B 186 -5.27 0.56 20.00
CA GLY B 186 -6.18 1.48 19.34
C GLY B 186 -7.48 0.84 18.92
N HIS B 187 -7.55 -0.49 18.90
CA HIS B 187 -8.78 -1.21 18.67
C HIS B 187 -8.96 -2.37 19.62
N GLN B 188 -8.00 -2.60 20.52
CA GLN B 188 -8.15 -3.63 21.52
C GLN B 188 -9.21 -3.23 22.56
N PRO B 189 -9.91 -4.19 23.14
CA PRO B 189 -10.96 -3.85 24.12
C PRO B 189 -10.36 -3.36 25.43
N TYR B 190 -10.86 -2.24 25.92
CA TYR B 190 -10.42 -1.63 27.17
C TYR B 190 -11.58 -1.59 28.16
N ARG B 191 -11.33 -2.01 29.39
CA ARG B 191 -12.32 -1.98 30.46
C ARG B 191 -12.26 -0.63 31.16
N VAL B 192 -13.37 0.09 31.18
CA VAL B 192 -13.46 1.41 31.81
C VAL B 192 -14.53 1.35 32.88
N VAL B 193 -14.20 1.80 34.09
CA VAL B 193 -15.13 1.86 35.19
C VAL B 193 -15.17 3.31 35.66
N VAL B 194 -16.23 4.03 35.29
CA VAL B 194 -16.37 5.43 35.65
C VAL B 194 -17.07 5.52 37.00
N LEU B 195 -16.41 6.16 37.95
CA LEU B 195 -16.97 6.40 39.28
C LEU B 195 -17.55 7.81 39.32
N SER B 196 -18.80 7.91 39.77
CA SER B 196 -19.48 9.19 39.87
C SER B 196 -19.89 9.43 41.31
N PHE B 197 -19.62 10.65 41.81
CA PHE B 197 -19.91 11.02 43.18
C PHE B 197 -20.98 12.10 43.19
N GLU B 198 -21.97 11.96 44.07
CA GLU B 198 -23.07 12.90 44.18
C GLU B 198 -23.17 13.40 45.61
N LEU B 199 -23.43 14.71 45.74
CA LEU B 199 -23.58 15.36 47.03
C LEU B 199 -24.93 16.07 47.10
N LEU B 200 -25.75 15.68 48.07
CA LEU B 200 -27.07 16.25 48.27
C LEU B 200 -27.30 16.52 49.75
N HIS B 201 -28.13 17.52 50.03
CA HIS B 201 -28.32 18.02 51.40
C HIS B 201 -29.20 17.06 52.19
N ALA B 202 -28.56 16.02 52.71
CA ALA B 202 -29.17 15.07 53.63
C ALA B 202 -28.05 14.50 54.47
N PRO B 203 -28.32 14.04 55.69
CA PRO B 203 -27.28 13.39 56.49
C PRO B 203 -26.59 12.27 55.73
N ALA B 204 -25.26 12.30 55.72
CA ALA B 204 -24.48 11.29 55.00
C ALA B 204 -24.19 10.08 55.90
N THR B 205 -23.61 10.32 57.08
CA THR B 205 -23.31 9.29 58.06
C THR B 205 -22.37 8.22 57.52
N VAL B 206 -21.51 8.58 56.56
CA VAL B 206 -20.52 7.67 55.99
C VAL B 206 -19.17 8.38 55.99
N CYS B 207 -18.29 7.99 56.91
CA CYS B 207 -16.95 8.57 57.02
C CYS B 207 -16.04 7.58 57.73
N GLY B 208 -14.78 8.01 57.94
CA GLY B 208 -13.80 7.18 58.62
C GLY B 208 -12.43 7.82 58.78
#